data_8Y05
#
_entry.id   8Y05
#
_cell.length_a   154.764
_cell.length_b   154.764
_cell.length_c   210.611
_cell.angle_alpha   90.000
_cell.angle_beta   90.000
_cell.angle_gamma   120.000
#
_symmetry.space_group_name_H-M   'P 31 2 1'
#
loop_
_entity.id
_entity.type
_entity.pdbx_description
1 polymer LbCas12a
2 polymer 'RNA (29-MER)'
3 polymer "DNA (5'-D(P*CP*TP*GP*GP*AP*TP*GP*CP*GP*TP*AP*AP*AP*GP*GP*AP*CP*G)-3')"
4 polymer "DNA (5'-D(*CP*GP*TP*CP*CP*TP*TP*TP*AP*TP*T)-3')"
5 non-polymer 'MAGNESIUM ION'
6 water water
#
loop_
_entity_poly.entity_id
_entity_poly.type
_entity_poly.pdbx_seq_one_letter_code
_entity_poly.pdbx_strand_id
1 'polypeptide(L)'
;MSKLEKFTNCYSLSKTLRFKAIPVGKTQENIDNKRLLVEDEKRAEDYKGVKKLLDRYYLSFINDVLHSIKLKNLNNYISL
FRKKTRTEKENKELENLEINLRKEIAKAFKGNEGYKSLFKKDIIETILPEFLDDKDEIALVNSFNGFTTAFTGFFDNREN
MFSEEAKSTSIAFRCINENLTRYISNMDIFEKVDAIFDKHEVQEIKEKILNSDYDVEDFFEGEFFNFVLTQEGIDVYNAI
IGGFVTESGEKIKGLNEYINLYNQKTKQKLPKFKPLYKQVLSDRESLSFYGEGYTSDEEVLEVFRNTLNKNSEIFSSIKK
LEKLFKNFDEYSSAGIFVKNGPAISTISKDIFGEWNVIRDKWNAEYDDIHLKKKAVVTEKYEDDRRKSFKKIGSFSLEQL
QEYADADLSVVEKLKEIIIQKVDEIYKVYGSSEKLFDADFVLEKSLKKNDAVVAIMKDLLDSVKSFENYIKAFFGEGKET
NRDESFYGDFVLAYDILLKVDHIYDAIRNYVTQKPYSKDKFKLYFQNPQFMGGWDKDKETDYRATILRYGSKYYLAIMDK
KYAKCLQKIDKDDVNGNYEKINYKLLPGPNKMLPKVFFSKKWMAYYNPSEDIQKIYKNGTFKKGDMFNLNDCHKLIDFFK
DSISRYPKWSNAYDFNFSETEKYKDIAGFYREVEEQGYKVSFESASKKEVDKLVEEGKLYMFQIYNKDFSDKSHGTPNLH
TMYFKLLFDENNHGQIRLSGGAELFMRRASLKKEELVVHPANSPIANKNPDNPKKTTTLSYDVYKDKRFSEDQYELHIPI
AINKCPKNIFKINTEVRVLLKHDDNPYVIGIDRGERNLLYIVVVDGKGNIVEQYSLNEIINNFNGIRIKTDYHSLLDKKE
KERFEARQNWTSIENIKELKAGYISQVVHKICELVEKYDAVIALEDLNSGFKNSRVKVEKQVYQKFEKMLIDKLNYMVDK
KSNPCATGGALKGYQITNKFESFKSMSTQNGFIFYIPAWLTSKIDPSTGFVNLLKTKYTSIADSKKFISSFDRIMYVPEE
DLFEFALDYKNFSRTDADYIKKWKLYSYGNRIRIFRNPKKNNVFDWEEVCLTSAYKELFNKYGINYQQGDIRALLCEQSD
KAFYSSFMALMSLMLQMRNSITGRTDVDFLISPVKNSDGIFYDSRNYEAQENAILPKNADANGAYNIARKVLWAIGQFKK
AEDEKLDKVKIAISNKEWLEYAQTSVKH
;
A
2 'polyribonucleotide' AAUUUCUACUAAGUGUAGAUCGCAUCCAGUAAAGCGGCAC B
3 'polydeoxyribonucleotide' (DC)(DT)(DG)(DG)(DA)(DT)(DG)(DC)(DG)(DT)(DA)(DA)(DA)(DG)(DG)(DA)(DC)(DG) C
4 'polydeoxyribonucleotide' (DC)(DG)(DT)(DC)(DC)(DT)(DT)(DT)(DA)(DT)(DT) D
#
loop_
_chem_comp.id
_chem_comp.type
_chem_comp.name
_chem_comp.formula
A RNA linking ADENOSINE-5'-MONOPHOSPHATE 'C10 H14 N5 O7 P'
C RNA linking CYTIDINE-5'-MONOPHOSPHATE 'C9 H14 N3 O8 P'
DA DNA linking 2'-DEOXYADENOSINE-5'-MONOPHOSPHATE 'C10 H14 N5 O6 P'
DC DNA linking 2'-DEOXYCYTIDINE-5'-MONOPHOSPHATE 'C9 H14 N3 O7 P'
DG DNA linking 2'-DEOXYGUANOSINE-5'-MONOPHOSPHATE 'C10 H14 N5 O7 P'
DT DNA linking THYMIDINE-5'-MONOPHOSPHATE 'C10 H15 N2 O8 P'
G RNA linking GUANOSINE-5'-MONOPHOSPHATE 'C10 H14 N5 O8 P'
MG non-polymer 'MAGNESIUM ION' 'Mg 2'
U RNA linking URIDINE-5'-MONOPHOSPHATE 'C9 H13 N2 O9 P'
#
# COMPACT_ATOMS: atom_id res chain seq x y z
N MET A 1 22.94 -26.48 12.49
CA MET A 1 23.16 -25.13 11.97
C MET A 1 22.28 -24.89 10.75
N SER A 2 21.23 -24.14 11.00
CA SER A 2 20.38 -23.52 9.99
C SER A 2 20.06 -22.14 10.51
N LYS A 3 20.03 -21.17 9.62
CA LYS A 3 19.51 -19.86 10.02
C LYS A 3 17.99 -19.93 10.24
N LEU A 4 17.25 -20.51 9.28
CA LEU A 4 15.79 -20.52 9.34
C LEU A 4 15.30 -21.03 10.67
N GLU A 5 15.82 -22.16 11.09
CA GLU A 5 15.18 -22.81 12.22
C GLU A 5 15.56 -22.19 13.54
N LYS A 6 16.12 -21.00 13.52
CA LYS A 6 16.27 -20.24 14.75
C LYS A 6 15.08 -19.35 14.99
N PHE A 7 14.12 -19.33 14.05
CA PHE A 7 13.04 -18.35 14.03
C PHE A 7 11.64 -18.99 14.12
N THR A 8 11.40 -19.81 15.15
CA THR A 8 10.07 -20.30 15.44
C THR A 8 9.68 -19.80 16.83
N ASN A 9 8.38 -19.56 17.02
CA ASN A 9 7.86 -19.10 18.30
C ASN A 9 8.39 -17.72 18.68
N CYS A 10 8.42 -16.81 17.73
CA CYS A 10 8.99 -15.51 18.05
C CYS A 10 7.96 -14.47 18.48
N TYR A 11 6.86 -14.34 17.75
CA TYR A 11 5.90 -13.34 18.19
C TYR A 11 4.50 -13.85 17.88
N SER A 12 3.52 -13.34 18.61
CA SER A 12 2.16 -13.80 18.41
C SER A 12 1.42 -12.92 17.40
N LEU A 13 0.49 -13.53 16.68
CA LEU A 13 -0.24 -12.82 15.63
C LEU A 13 -1.60 -13.46 15.39
N SER A 14 -2.55 -12.63 14.94
CA SER A 14 -3.93 -13.04 14.77
C SER A 14 -4.25 -13.29 13.31
N LYS A 15 -4.99 -14.37 13.03
CA LYS A 15 -5.55 -14.57 11.71
C LYS A 15 -7.02 -14.89 11.83
N THR A 16 -7.79 -14.51 10.81
CA THR A 16 -9.17 -14.91 10.70
C THR A 16 -9.35 -16.00 9.66
N LEU A 17 -9.99 -17.09 10.07
CA LEU A 17 -10.42 -18.19 9.20
C LEU A 17 -11.87 -17.98 8.80
N ARG A 18 -12.14 -18.16 7.50
CA ARG A 18 -13.45 -17.96 6.90
C ARG A 18 -14.01 -19.26 6.33
N PHE A 19 -15.34 -19.43 6.45
CA PHE A 19 -16.03 -20.67 6.09
C PHE A 19 -17.47 -20.38 5.70
N LYS A 20 -17.97 -21.17 4.74
CA LYS A 20 -19.39 -21.30 4.50
C LYS A 20 -20.01 -22.08 5.64
N ALA A 21 -21.13 -21.59 6.15
CA ALA A 21 -21.91 -22.30 7.17
C ALA A 21 -23.15 -22.85 6.47
N ILE A 22 -23.30 -24.17 6.49
CA ILE A 22 -24.40 -24.79 5.74
C ILE A 22 -25.42 -25.26 6.76
N PRO A 23 -26.67 -24.77 6.73
CA PRO A 23 -27.67 -25.24 7.71
C PRO A 23 -27.84 -26.74 7.59
N VAL A 24 -28.39 -27.33 8.62
CA VAL A 24 -28.53 -28.78 8.67
C VAL A 24 -29.94 -29.12 9.11
N GLY A 25 -30.62 -29.99 8.34
CA GLY A 25 -31.95 -30.43 8.75
C GLY A 25 -32.94 -29.28 8.75
N LYS A 26 -33.89 -29.33 9.71
CA LYS A 26 -34.89 -28.28 9.81
C LYS A 26 -34.33 -26.89 10.10
N THR A 27 -33.01 -26.78 10.28
CA THR A 27 -32.42 -25.53 10.75
C THR A 27 -32.94 -24.36 9.94
N GLN A 28 -32.76 -24.39 8.61
CA GLN A 28 -33.17 -23.25 7.80
C GLN A 28 -34.70 -23.07 7.82
N GLU A 29 -35.45 -24.17 7.77
CA GLU A 29 -36.90 -24.08 7.97
C GLU A 29 -37.26 -23.40 9.29
N ASN A 30 -36.71 -23.87 10.40
CA ASN A 30 -37.04 -23.26 11.69
C ASN A 30 -36.62 -21.79 11.74
N ILE A 31 -35.55 -21.42 11.02
CA ILE A 31 -35.07 -20.05 11.00
C ILE A 31 -36.01 -19.17 10.18
N ASP A 32 -36.53 -19.72 9.09
CA ASP A 32 -37.47 -18.99 8.24
C ASP A 32 -38.77 -18.73 8.97
N ASN A 33 -39.30 -19.75 9.67
CA ASN A 33 -40.59 -19.63 10.34
C ASN A 33 -40.54 -18.59 11.43
N LYS A 34 -39.42 -18.52 12.13
CA LYS A 34 -39.27 -17.56 13.21
C LYS A 34 -38.87 -16.20 12.68
N ARG A 35 -38.66 -16.08 11.38
CA ARG A 35 -38.39 -14.81 10.71
C ARG A 35 -37.14 -14.11 11.24
N LEU A 36 -36.13 -14.89 11.70
CA LEU A 36 -34.96 -14.30 12.36
C LEU A 36 -34.08 -13.49 11.42
N LEU A 37 -33.82 -14.00 10.20
CA LEU A 37 -32.88 -13.33 9.30
C LEU A 37 -33.35 -11.92 8.94
N VAL A 38 -34.64 -11.78 8.64
CA VAL A 38 -35.21 -10.44 8.41
C VAL A 38 -34.87 -9.50 9.56
N GLU A 39 -35.09 -9.95 10.79
CA GLU A 39 -34.81 -9.11 11.95
C GLU A 39 -33.37 -8.63 11.94
N ASP A 40 -32.46 -9.51 11.56
CA ASP A 40 -31.05 -9.14 11.55
C ASP A 40 -30.78 -8.16 10.43
N GLU A 41 -31.24 -8.47 9.22
CA GLU A 41 -31.03 -7.58 8.07
C GLU A 41 -31.52 -6.16 8.36
N LYS A 42 -32.68 -6.03 8.99
CA LYS A 42 -33.17 -4.73 9.42
C LYS A 42 -32.26 -4.14 10.48
N ARG A 43 -31.85 -4.95 11.46
CA ARG A 43 -31.09 -4.43 12.60
C ARG A 43 -29.82 -3.77 12.14
N ALA A 44 -29.09 -4.44 11.24
CA ALA A 44 -27.88 -3.89 10.66
C ALA A 44 -28.14 -2.54 10.04
N GLU A 45 -29.22 -2.43 9.27
CA GLU A 45 -29.60 -1.15 8.71
C GLU A 45 -29.81 -0.12 9.81
N ASP A 46 -30.65 -0.45 10.79
CA ASP A 46 -30.93 0.47 11.89
C ASP A 46 -29.67 0.79 12.69
N TYR A 47 -28.75 -0.16 12.76
CA TYR A 47 -27.58 0.02 13.61
C TYR A 47 -26.69 1.12 13.03
N LYS A 48 -26.37 1.01 11.74
CA LYS A 48 -25.65 2.08 11.03
C LYS A 48 -26.31 3.42 11.33
N GLY A 49 -27.64 3.46 11.25
CA GLY A 49 -28.35 4.69 11.54
C GLY A 49 -28.07 5.23 12.93
N VAL A 50 -28.23 4.38 13.95
CA VAL A 50 -28.04 4.83 15.32
C VAL A 50 -26.62 5.30 15.55
N LYS A 51 -25.63 4.65 14.92
CA LYS A 51 -24.26 5.11 15.07
C LYS A 51 -24.12 6.56 14.65
N LYS A 52 -24.83 6.98 13.61
CA LYS A 52 -24.75 8.38 13.18
C LYS A 52 -25.36 9.31 14.22
N LEU A 53 -26.55 8.97 14.71
CA LEU A 53 -27.13 9.78 15.78
C LEU A 53 -26.20 9.80 16.99
N LEU A 54 -25.67 8.64 17.34
CA LEU A 54 -24.72 8.60 18.44
C LEU A 54 -23.60 9.60 18.19
N ASP A 55 -23.00 9.55 17.00
CA ASP A 55 -21.97 10.51 16.60
C ASP A 55 -22.40 11.94 16.80
N ARG A 56 -23.65 12.26 16.42
CA ARG A 56 -24.17 13.61 16.63
C ARG A 56 -23.96 14.11 18.05
N TYR A 57 -24.26 13.29 19.03
CA TYR A 57 -24.04 13.68 20.41
C TYR A 57 -22.56 13.74 20.74
N TYR A 58 -21.81 12.69 20.40
CA TYR A 58 -20.35 12.73 20.45
C TYR A 58 -19.80 14.04 19.91
N LEU A 59 -20.27 14.47 18.74
CA LEU A 59 -19.75 15.70 18.16
C LEU A 59 -20.15 16.91 18.99
N SER A 60 -21.36 16.92 19.53
CA SER A 60 -21.72 18.02 20.42
C SER A 60 -20.89 17.97 21.69
N PHE A 61 -20.58 16.77 22.17
CA PHE A 61 -19.85 16.67 23.43
C PHE A 61 -18.46 17.20 23.27
N ILE A 62 -17.88 17.03 22.08
CA ILE A 62 -16.51 17.44 21.84
C ILE A 62 -16.39 18.95 21.83
N ASN A 63 -17.37 19.64 21.22
CA ASN A 63 -17.27 21.10 21.18
C ASN A 63 -17.39 21.70 22.57
N ASP A 64 -18.33 21.18 23.37
CA ASP A 64 -18.43 21.60 24.75
C ASP A 64 -17.08 21.56 25.45
N VAL A 65 -16.35 20.46 25.34
CA VAL A 65 -15.10 20.35 26.08
C VAL A 65 -13.99 21.15 25.44
N LEU A 66 -13.97 21.22 24.12
CA LEU A 66 -12.90 21.96 23.48
C LEU A 66 -13.08 23.46 23.68
N HIS A 67 -14.32 23.98 23.56
CA HIS A 67 -14.52 25.41 23.80
C HIS A 67 -14.01 25.82 25.16
N SER A 68 -14.26 24.98 26.17
CA SER A 68 -13.98 25.31 27.55
C SER A 68 -12.50 25.39 27.84
N ILE A 69 -11.69 24.79 27.02
CA ILE A 69 -10.36 24.38 27.43
C ILE A 69 -9.44 25.59 27.33
N LYS A 70 -8.41 25.63 28.18
CA LYS A 70 -7.41 26.70 28.12
C LYS A 70 -6.08 26.04 28.41
N LEU A 71 -5.19 26.01 27.42
CA LEU A 71 -3.96 25.26 27.55
C LEU A 71 -2.90 26.08 28.25
N LYS A 72 -2.15 25.41 29.14
CA LYS A 72 -1.30 26.07 30.13
C LYS A 72 0.14 26.31 29.63
N ASN A 73 0.70 25.40 28.89
CA ASN A 73 2.12 25.58 28.67
C ASN A 73 2.41 26.61 27.58
N LEU A 74 1.39 27.16 26.92
CA LEU A 74 1.43 27.44 25.49
C LEU A 74 2.66 28.23 25.03
N ASN A 75 2.78 29.48 25.51
CA ASN A 75 3.88 30.35 25.10
C ASN A 75 5.24 29.66 25.26
N ASN A 76 5.55 29.22 26.48
CA ASN A 76 6.73 28.42 26.80
C ASN A 76 6.98 27.31 25.77
N TYR A 77 5.96 26.52 25.45
CA TYR A 77 6.13 25.45 24.47
C TYR A 77 6.50 25.99 23.10
N ILE A 78 5.65 26.88 22.54
CA ILE A 78 5.88 27.43 21.20
C ILE A 78 7.29 27.94 21.05
N SER A 79 7.77 28.66 22.06
CA SER A 79 9.12 29.16 22.03
C SER A 79 10.15 28.02 21.90
N LEU A 80 10.13 27.07 22.84
CA LEU A 80 11.06 25.93 22.75
C LEU A 80 10.86 25.18 21.45
N PHE A 81 9.60 25.06 21.01
CA PHE A 81 9.36 24.41 19.72
C PHE A 81 10.14 25.06 18.62
N ARG A 82 10.35 26.38 18.75
CA ARG A 82 10.90 27.15 17.64
C ARG A 82 12.42 27.06 17.61
N LYS A 83 13.07 26.81 18.76
CA LYS A 83 14.52 26.71 18.81
C LYS A 83 15.03 25.70 17.81
N LYS A 84 15.86 26.19 16.87
CA LYS A 84 16.43 25.36 15.82
C LYS A 84 17.72 24.66 16.23
N THR A 85 18.30 24.97 17.37
CA THR A 85 19.48 24.26 17.88
C THR A 85 19.24 23.81 19.32
N ARG A 86 18.65 22.62 19.48
CA ARG A 86 18.23 22.11 20.78
C ARG A 86 19.20 21.05 21.26
N THR A 87 19.72 21.22 22.48
CA THR A 87 20.44 20.10 23.08
C THR A 87 19.48 18.94 23.23
N GLU A 88 20.02 17.73 23.31
CA GLU A 88 19.13 16.58 23.40
C GLU A 88 18.24 16.69 24.64
N LYS A 89 18.79 17.18 25.76
CA LYS A 89 17.97 17.42 26.94
C LYS A 89 16.79 18.34 26.63
N GLU A 90 17.01 19.32 25.76
CA GLU A 90 15.94 20.24 25.42
C GLU A 90 14.90 19.59 24.53
N ASN A 91 15.31 18.65 23.68
CA ASN A 91 14.29 17.93 22.93
C ASN A 91 13.45 17.06 23.86
N LYS A 92 14.04 16.53 24.94
CA LYS A 92 13.23 15.79 25.89
C LYS A 92 12.30 16.72 26.64
N GLU A 93 12.79 17.90 27.05
CA GLU A 93 11.89 18.94 27.54
C GLU A 93 10.71 19.14 26.64
N LEU A 94 10.98 19.40 25.35
CA LEU A 94 9.92 19.70 24.40
C LEU A 94 8.91 18.57 24.35
N GLU A 95 9.37 17.31 24.39
CA GLU A 95 8.41 16.20 24.43
C GLU A 95 7.53 16.29 25.68
N ASN A 96 8.14 16.35 26.87
CA ASN A 96 7.31 16.43 28.08
C ASN A 96 6.29 17.53 27.98
N LEU A 97 6.65 18.67 27.38
CA LEU A 97 5.66 19.72 27.21
C LEU A 97 4.55 19.29 26.26
N GLU A 98 4.92 18.57 25.19
CA GLU A 98 3.92 18.16 24.20
C GLU A 98 3.00 17.09 24.76
N ILE A 99 3.56 16.17 25.55
CA ILE A 99 2.77 15.21 26.29
C ILE A 99 1.78 15.91 27.22
N ASN A 100 2.30 16.81 28.05
CA ASN A 100 1.43 17.53 28.98
C ASN A 100 0.34 18.28 28.25
N LEU A 101 0.66 18.86 27.09
CA LEU A 101 -0.40 19.50 26.32
C LEU A 101 -1.48 18.49 25.96
N ARG A 102 -1.09 17.31 25.49
CA ARG A 102 -2.11 16.34 25.11
C ARG A 102 -2.87 15.85 26.34
N LYS A 103 -2.17 15.55 27.44
CA LYS A 103 -2.87 15.11 28.65
C LYS A 103 -3.86 16.16 29.16
N GLU A 104 -3.56 17.43 29.00
CA GLU A 104 -4.55 18.45 29.30
C GLU A 104 -5.84 18.21 28.54
N ILE A 105 -5.75 17.93 27.25
CA ILE A 105 -6.96 17.76 26.46
C ILE A 105 -7.67 16.47 26.85
N ALA A 106 -6.91 15.40 27.02
CA ALA A 106 -7.51 14.16 27.46
C ALA A 106 -8.18 14.33 28.82
N LYS A 107 -7.49 14.91 29.81
CA LYS A 107 -8.13 15.07 31.11
C LYS A 107 -9.34 15.97 31.03
N ALA A 108 -9.34 16.95 30.12
CA ALA A 108 -10.52 17.79 29.95
C ALA A 108 -11.74 16.95 29.62
N PHE A 109 -11.57 16.01 28.69
CA PHE A 109 -12.61 15.08 28.28
C PHE A 109 -12.96 14.13 29.43
N LYS A 110 -12.03 13.24 29.75
CA LYS A 110 -12.34 12.14 30.65
C LYS A 110 -12.72 12.61 32.06
N GLY A 111 -12.49 13.87 32.40
CA GLY A 111 -12.82 14.33 33.73
C GLY A 111 -14.24 14.79 33.94
N ASN A 112 -15.08 14.81 32.90
CA ASN A 112 -16.50 15.09 33.10
C ASN A 112 -17.18 13.98 33.89
N GLU A 113 -18.22 14.36 34.63
CA GLU A 113 -19.23 13.36 34.94
C GLU A 113 -19.79 12.78 33.65
N GLY A 114 -19.97 13.62 32.63
CA GLY A 114 -20.59 13.15 31.39
C GLY A 114 -19.84 12.04 30.68
N TYR A 115 -18.55 11.89 30.96
CA TYR A 115 -17.71 11.05 30.10
C TYR A 115 -18.03 9.58 30.27
N LYS A 116 -18.13 9.11 31.51
CA LYS A 116 -18.30 7.67 31.68
C LYS A 116 -19.59 7.17 31.05
N SER A 117 -20.60 8.05 30.99
CA SER A 117 -21.88 7.70 30.39
C SER A 117 -21.82 7.46 28.89
N LEU A 118 -20.83 8.01 28.18
CA LEU A 118 -20.91 7.94 26.71
C LEU A 118 -20.75 6.53 26.18
N PHE A 119 -20.00 5.68 26.85
CA PHE A 119 -19.74 4.35 26.34
C PHE A 119 -20.35 3.26 27.20
N LYS A 120 -21.29 3.63 28.06
CA LYS A 120 -22.03 2.70 28.87
C LYS A 120 -23.43 2.59 28.25
N LYS A 121 -24.26 1.71 28.83
CA LYS A 121 -25.65 1.54 28.37
C LYS A 121 -26.40 2.86 28.30
N ASP A 122 -25.99 3.82 29.13
CA ASP A 122 -26.77 5.01 29.43
C ASP A 122 -26.98 5.86 28.19
N ILE A 123 -26.05 5.81 27.25
CA ILE A 123 -26.11 6.73 26.13
C ILE A 123 -27.29 6.41 25.24
N ILE A 124 -27.70 5.14 25.17
CA ILE A 124 -28.82 4.80 24.30
C ILE A 124 -30.15 4.87 25.05
N GLU A 125 -30.15 4.49 26.33
CA GLU A 125 -31.38 4.45 27.08
C GLU A 125 -31.84 5.85 27.46
N THR A 126 -30.93 6.70 27.95
CA THR A 126 -31.47 7.95 28.46
C THR A 126 -30.86 9.20 27.82
N ILE A 127 -29.52 9.28 27.68
CA ILE A 127 -28.92 10.53 27.19
C ILE A 127 -29.38 10.87 25.78
N LEU A 128 -29.12 9.98 24.81
CA LEU A 128 -29.43 10.29 23.42
C LEU A 128 -30.90 10.66 23.22
N PRO A 129 -31.87 9.93 23.79
CA PRO A 129 -33.27 10.32 23.53
C PRO A 129 -33.60 11.73 24.03
N GLU A 130 -33.17 12.08 25.25
CA GLU A 130 -33.30 13.46 25.73
C GLU A 130 -32.68 14.45 24.73
N PHE A 131 -31.48 14.14 24.25
CA PHE A 131 -30.76 15.02 23.33
C PHE A 131 -31.54 15.24 22.04
N LEU A 132 -32.04 14.17 21.44
CA LEU A 132 -32.69 14.27 20.15
C LEU A 132 -34.03 15.00 20.27
N ASP A 133 -34.47 15.55 19.14
CA ASP A 133 -35.73 16.28 19.09
C ASP A 133 -36.64 15.75 17.97
N ASP A 134 -36.31 14.62 17.37
CA ASP A 134 -37.17 13.98 16.39
C ASP A 134 -37.78 12.72 17.00
N LYS A 135 -39.06 12.47 16.70
CA LYS A 135 -39.76 11.30 17.24
C LYS A 135 -39.32 10.01 16.57
N ASP A 136 -38.99 10.08 15.29
CA ASP A 136 -38.48 8.92 14.56
C ASP A 136 -37.12 8.48 15.06
N GLU A 137 -36.14 9.39 15.04
CA GLU A 137 -34.81 9.06 15.54
C GLU A 137 -34.87 8.52 16.97
N ILE A 138 -35.68 9.14 17.84
CA ILE A 138 -35.77 8.61 19.21
C ILE A 138 -36.32 7.20 19.20
N ALA A 139 -37.20 6.90 18.25
CA ALA A 139 -37.70 5.53 18.14
C ALA A 139 -36.58 4.60 17.73
N LEU A 140 -35.74 5.02 16.78
CA LEU A 140 -34.62 4.19 16.35
C LEU A 140 -33.71 3.84 17.53
N VAL A 141 -33.25 4.86 18.24
CA VAL A 141 -32.42 4.65 19.42
C VAL A 141 -33.14 3.78 20.43
N ASN A 142 -34.43 4.04 20.64
CA ASN A 142 -35.22 3.21 21.56
C ASN A 142 -35.19 1.74 21.14
N SER A 143 -35.20 1.44 19.83
CA SER A 143 -35.21 0.04 19.38
C SER A 143 -34.04 -0.77 19.92
N PHE A 144 -33.03 -0.14 20.49
CA PHE A 144 -31.82 -0.84 20.88
C PHE A 144 -31.65 -1.05 22.37
N ASN A 145 -32.67 -0.75 23.19
CA ASN A 145 -32.51 -1.08 24.59
C ASN A 145 -32.45 -2.58 24.74
N GLY A 146 -31.80 -3.03 25.82
CA GLY A 146 -31.53 -4.45 26.01
C GLY A 146 -30.64 -5.06 24.95
N PHE A 147 -30.07 -4.23 24.09
CA PHE A 147 -29.16 -4.63 23.05
C PHE A 147 -27.98 -3.67 23.00
N THR A 148 -27.60 -3.14 24.16
CA THR A 148 -26.48 -2.22 24.23
C THR A 148 -25.15 -2.92 23.95
N THR A 149 -24.91 -4.06 24.59
CA THR A 149 -23.67 -4.78 24.40
C THR A 149 -23.24 -4.89 22.95
N ALA A 150 -24.17 -4.85 21.99
CA ALA A 150 -23.80 -4.90 20.58
C ALA A 150 -23.12 -3.63 20.13
N PHE A 151 -23.07 -2.62 20.97
CA PHE A 151 -22.43 -1.39 20.58
C PHE A 151 -20.97 -1.30 21.04
N THR A 152 -20.51 -2.23 21.88
CA THR A 152 -19.14 -2.23 22.41
C THR A 152 -18.07 -1.86 21.41
N GLY A 153 -18.17 -2.40 20.21
CA GLY A 153 -17.07 -2.21 19.27
C GLY A 153 -16.95 -0.77 18.86
N PHE A 154 -18.08 -0.25 18.38
CA PHE A 154 -18.23 1.19 18.17
C PHE A 154 -17.78 2.00 19.38
N PHE A 155 -18.22 1.61 20.58
CA PHE A 155 -17.78 2.33 21.76
C PHE A 155 -16.26 2.39 21.82
N ASP A 156 -15.58 1.29 21.54
CA ASP A 156 -14.11 1.32 21.54
C ASP A 156 -13.55 2.26 20.50
N ASN A 157 -14.14 2.32 19.32
CA ASN A 157 -13.64 3.25 18.31
C ASN A 157 -13.83 4.69 18.72
N ARG A 158 -14.84 4.98 19.51
CA ARG A 158 -15.00 6.37 19.90
C ARG A 158 -14.07 6.73 21.05
N GLU A 159 -13.80 5.77 21.94
CA GLU A 159 -12.83 5.99 23.02
C GLU A 159 -11.48 6.45 22.48
N ASN A 160 -11.02 5.85 21.39
CA ASN A 160 -9.73 6.25 20.86
C ASN A 160 -9.62 7.75 20.65
N MET A 161 -10.76 8.46 20.49
CA MET A 161 -10.66 9.89 20.28
C MET A 161 -10.17 10.60 21.53
N PHE A 162 -10.69 10.23 22.68
CA PHE A 162 -10.35 10.92 23.91
C PHE A 162 -9.02 10.49 24.51
N SER A 163 -8.11 9.90 23.73
CA SER A 163 -6.83 9.48 24.26
C SER A 163 -5.86 10.63 24.41
N GLU A 164 -4.90 10.44 25.31
CA GLU A 164 -3.78 11.34 25.45
C GLU A 164 -2.57 10.88 24.68
N GLU A 165 -2.61 9.68 24.12
CA GLU A 165 -1.45 9.13 23.42
C GLU A 165 -1.29 9.77 22.05
N ALA A 166 -0.09 9.66 21.51
CA ALA A 166 0.21 10.36 20.25
C ALA A 166 -0.18 9.46 19.08
N LYS A 167 -1.47 9.22 18.97
CA LYS A 167 -2.01 8.29 17.99
C LYS A 167 -2.98 8.99 17.06
N SER A 168 -2.87 8.67 15.77
CA SER A 168 -3.69 9.24 14.72
C SER A 168 -5.15 9.46 15.14
N THR A 169 -5.72 8.52 15.90
CA THR A 169 -7.14 8.55 16.20
C THR A 169 -7.51 9.59 17.24
N SER A 170 -6.53 10.30 17.80
CA SER A 170 -6.78 11.12 18.99
C SER A 170 -7.16 12.54 18.62
N ILE A 171 -8.03 13.13 19.45
CA ILE A 171 -8.32 14.55 19.39
C ILE A 171 -7.16 15.36 19.92
N ALA A 172 -6.58 14.94 21.05
CA ALA A 172 -5.39 15.62 21.53
C ALA A 172 -4.29 15.63 20.47
N PHE A 173 -4.10 14.49 19.80
CA PHE A 173 -2.98 14.40 18.87
C PHE A 173 -3.21 15.32 17.69
N ARG A 174 -4.45 15.33 17.16
CA ARG A 174 -4.84 16.28 16.12
C ARG A 174 -4.67 17.74 16.55
N CYS A 175 -4.85 18.03 17.84
CA CYS A 175 -4.69 19.41 18.27
C CYS A 175 -3.22 19.77 18.39
N ILE A 176 -2.45 18.93 19.07
CA ILE A 176 -1.13 19.33 19.57
C ILE A 176 0.00 18.95 18.61
N ASN A 177 -0.10 17.79 17.97
CA ASN A 177 0.93 17.36 17.04
C ASN A 177 0.69 17.86 15.63
N GLU A 178 -0.55 18.05 15.22
CA GLU A 178 -0.78 18.45 13.86
C GLU A 178 -1.21 19.91 13.75
N ASN A 179 -2.24 20.31 14.48
CA ASN A 179 -2.74 21.67 14.27
C ASN A 179 -1.87 22.69 14.99
N LEU A 180 -1.42 22.40 16.22
CA LEU A 180 -0.52 23.34 16.88
C LEU A 180 0.74 23.53 16.06
N THR A 181 1.32 22.42 15.59
CA THR A 181 2.51 22.51 14.77
C THR A 181 2.30 23.38 13.53
N ARG A 182 1.08 23.39 12.98
CA ARG A 182 0.85 24.28 11.84
C ARG A 182 0.68 25.71 12.29
N TYR A 183 -0.15 25.95 13.31
CA TYR A 183 -0.31 27.29 13.85
C TYR A 183 1.04 27.96 14.06
N ILE A 184 1.98 27.24 14.67
CA ILE A 184 3.31 27.77 14.91
C ILE A 184 3.99 28.16 13.61
N SER A 185 4.00 27.26 12.61
CA SER A 185 4.52 27.59 11.30
C SER A 185 3.85 28.84 10.73
N ASN A 186 2.53 28.98 10.92
CA ASN A 186 1.84 30.14 10.40
C ASN A 186 2.18 31.41 11.16
N MET A 187 2.41 31.32 12.47
CA MET A 187 2.96 32.47 13.19
C MET A 187 4.27 32.92 12.56
N ASP A 188 5.18 31.98 12.33
CA ASP A 188 6.45 32.26 11.69
C ASP A 188 6.24 33.04 10.40
N ILE A 189 5.42 32.49 9.50
CA ILE A 189 5.15 33.12 8.22
C ILE A 189 4.50 34.48 8.41
N PHE A 190 3.68 34.63 9.44
CA PHE A 190 2.96 35.90 9.64
C PHE A 190 3.91 37.05 9.95
N GLU A 191 4.88 36.84 10.85
CA GLU A 191 5.79 37.94 11.18
C GLU A 191 6.66 38.31 9.99
N LYS A 192 6.94 37.35 9.10
CA LYS A 192 7.65 37.72 7.88
C LYS A 192 6.79 38.56 6.95
N VAL A 193 5.51 38.24 6.83
CA VAL A 193 4.66 38.79 5.79
C VAL A 193 3.70 39.85 6.32
N ASP A 194 3.81 40.16 7.61
CA ASP A 194 2.82 40.98 8.31
C ASP A 194 2.49 42.27 7.57
N ALA A 195 3.53 43.00 7.12
CA ALA A 195 3.36 44.38 6.70
C ALA A 195 2.55 44.53 5.41
N ILE A 196 2.63 43.55 4.50
CA ILE A 196 2.05 43.73 3.18
C ILE A 196 0.53 43.80 3.21
N PHE A 197 -0.09 43.29 4.28
CA PHE A 197 -1.54 43.35 4.36
C PHE A 197 -1.94 44.79 4.62
N ASP A 198 -2.67 45.36 3.67
CA ASP A 198 -3.08 46.75 3.74
C ASP A 198 -4.02 47.01 4.92
N LYS A 199 -3.63 47.97 5.77
CA LYS A 199 -4.50 48.57 6.78
C LYS A 199 -6.01 48.45 6.52
N HIS A 200 -6.45 48.84 5.30
CA HIS A 200 -7.84 48.68 4.89
C HIS A 200 -8.20 47.21 4.74
N GLU A 201 -7.31 46.45 4.08
CA GLU A 201 -7.56 45.04 3.79
C GLU A 201 -7.88 44.26 5.05
N VAL A 202 -7.15 44.55 6.15
CA VAL A 202 -7.34 43.86 7.43
C VAL A 202 -8.66 44.23 8.06
N GLN A 203 -9.07 45.49 7.95
CA GLN A 203 -10.31 45.88 8.61
C GLN A 203 -11.51 45.26 7.93
N GLU A 204 -11.44 45.04 6.61
CA GLU A 204 -12.46 44.25 5.91
C GLU A 204 -12.73 42.98 6.70
N ILE A 205 -11.72 42.10 6.71
CA ILE A 205 -11.77 40.77 7.33
C ILE A 205 -12.31 40.81 8.76
N LYS A 206 -12.04 41.89 9.51
CA LYS A 206 -12.53 41.92 10.89
C LYS A 206 -14.03 42.16 10.96
N GLU A 207 -14.60 42.80 9.94
CA GLU A 207 -16.05 42.96 9.91
C GLU A 207 -16.73 41.83 9.13
N LYS A 208 -16.32 41.62 7.88
CA LYS A 208 -17.01 40.67 7.03
C LYS A 208 -16.94 39.25 7.61
N ILE A 209 -15.75 38.83 8.04
CA ILE A 209 -15.48 37.47 8.54
C ILE A 209 -15.57 37.41 10.06
N LEU A 210 -14.57 37.98 10.73
CA LEU A 210 -14.43 37.94 12.19
C LEU A 210 -15.64 38.47 12.94
N ASN A 211 -16.51 39.24 12.25
CA ASN A 211 -17.71 39.84 12.83
C ASN A 211 -17.39 40.84 13.94
N SER A 212 -16.18 41.39 13.93
CA SER A 212 -15.72 42.42 14.88
C SER A 212 -15.67 41.94 16.33
N ASP A 213 -15.45 40.64 16.56
CA ASP A 213 -15.25 40.16 17.92
C ASP A 213 -13.77 39.89 18.25
N TYR A 214 -12.91 39.73 17.24
CA TYR A 214 -11.47 39.56 17.42
C TYR A 214 -10.71 40.19 16.25
N ASP A 215 -9.45 40.56 16.49
CA ASP A 215 -8.60 41.13 15.46
C ASP A 215 -7.86 40.05 14.68
N VAL A 216 -7.64 40.30 13.39
CA VAL A 216 -6.90 39.34 12.57
C VAL A 216 -5.57 38.97 13.22
N GLU A 217 -4.93 39.92 13.92
CA GLU A 217 -3.63 39.62 14.52
C GLU A 217 -3.77 38.63 15.67
N ASP A 218 -4.93 38.61 16.34
CA ASP A 218 -5.15 37.64 17.41
C ASP A 218 -4.80 36.23 16.95
N PHE A 219 -5.11 35.90 15.69
CA PHE A 219 -5.01 34.51 15.23
C PHE A 219 -3.56 34.07 14.97
N PHE A 220 -2.60 34.89 15.37
CA PHE A 220 -1.20 34.53 15.17
C PHE A 220 -0.40 34.80 16.42
N GLU A 221 -1.06 35.06 17.55
CA GLU A 221 -0.45 34.99 18.88
C GLU A 221 -0.59 33.59 19.47
N GLY A 222 0.52 33.09 20.01
CA GLY A 222 0.49 31.76 20.60
C GLY A 222 -0.62 31.58 21.61
N GLU A 223 -0.63 32.40 22.66
CA GLU A 223 -1.60 32.21 23.74
C GLU A 223 -3.05 32.11 23.25
N PHE A 224 -3.31 32.48 22.00
CA PHE A 224 -4.64 32.47 21.39
C PHE A 224 -5.01 31.14 20.78
N PHE A 225 -4.11 30.16 20.85
CA PHE A 225 -4.36 28.88 20.19
C PHE A 225 -5.69 28.29 20.60
N ASN A 226 -5.98 28.26 21.92
CA ASN A 226 -7.17 27.56 22.42
C ASN A 226 -8.37 27.79 21.51
N PHE A 227 -8.44 28.98 20.89
CA PHE A 227 -9.58 29.32 20.07
C PHE A 227 -9.73 28.40 18.88
N VAL A 228 -8.68 27.71 18.46
CA VAL A 228 -8.79 26.96 17.24
C VAL A 228 -8.66 25.45 17.52
N LEU A 229 -8.99 25.04 18.74
CA LEU A 229 -9.20 23.62 19.01
C LEU A 229 -10.52 23.09 18.42
N THR A 230 -11.56 23.91 18.36
CA THR A 230 -12.87 23.46 17.94
C THR A 230 -12.98 23.53 16.43
N GLN A 231 -13.93 22.79 15.85
CA GLN A 231 -14.08 22.89 14.39
C GLN A 231 -14.51 24.28 14.00
N GLU A 232 -15.35 24.91 14.83
CA GLU A 232 -15.75 26.28 14.55
C GLU A 232 -14.52 27.19 14.45
N GLY A 233 -13.70 27.22 15.51
CA GLY A 233 -12.48 28.03 15.47
C GLY A 233 -11.63 27.78 14.24
N ILE A 234 -11.49 26.50 13.87
CA ILE A 234 -10.72 26.15 12.68
C ILE A 234 -11.39 26.71 11.43
N ASP A 235 -12.72 26.69 11.40
CA ASP A 235 -13.45 27.24 10.26
C ASP A 235 -13.16 28.73 10.10
N VAL A 236 -13.08 29.45 11.23
CA VAL A 236 -12.69 30.86 11.21
C VAL A 236 -11.27 31.02 10.68
N TYR A 237 -10.31 30.41 11.39
CA TYR A 237 -8.90 30.51 11.05
C TYR A 237 -8.65 30.22 9.58
N ASN A 238 -9.27 29.16 9.07
CA ASN A 238 -9.07 28.84 7.66
C ASN A 238 -9.77 29.85 6.77
N ALA A 239 -10.77 30.56 7.31
CA ALA A 239 -11.47 31.57 6.53
C ALA A 239 -10.62 32.82 6.34
N ILE A 240 -9.99 33.29 7.42
CA ILE A 240 -9.00 34.36 7.33
C ILE A 240 -8.00 34.06 6.23
N ILE A 241 -7.45 32.87 6.23
CA ILE A 241 -6.47 32.49 5.22
C ILE A 241 -7.12 32.34 3.84
N GLY A 242 -8.23 31.63 3.76
CA GLY A 242 -8.75 31.25 2.47
C GLY A 242 -9.68 32.29 1.87
N GLY A 243 -10.22 33.13 2.72
CA GLY A 243 -11.27 34.02 2.26
C GLY A 243 -12.64 33.42 2.52
N PHE A 244 -13.62 34.29 2.70
CA PHE A 244 -14.95 33.93 3.17
C PHE A 244 -15.97 34.33 2.12
N VAL A 245 -17.24 34.01 2.38
CA VAL A 245 -18.35 34.49 1.57
C VAL A 245 -19.53 34.69 2.51
N THR A 246 -19.99 35.94 2.64
CA THR A 246 -20.92 36.35 3.68
C THR A 246 -22.34 35.87 3.37
N GLU A 247 -23.25 36.13 4.32
CA GLU A 247 -24.66 35.87 4.07
C GLU A 247 -25.13 36.62 2.82
N SER A 248 -24.62 37.84 2.63
CA SER A 248 -24.93 38.65 1.45
C SER A 248 -24.38 38.03 0.17
N GLY A 249 -23.29 37.27 0.27
CA GLY A 249 -22.63 36.68 -0.88
C GLY A 249 -21.42 37.43 -1.37
N GLU A 250 -21.07 38.56 -0.76
CA GLU A 250 -19.91 39.33 -1.21
C GLU A 250 -18.64 38.55 -0.91
N LYS A 251 -17.80 38.37 -1.94
CA LYS A 251 -16.48 37.81 -1.77
C LYS A 251 -15.61 38.68 -0.84
N ILE A 252 -14.99 38.05 0.15
CA ILE A 252 -14.04 38.69 1.04
C ILE A 252 -12.68 38.04 0.87
N LYS A 253 -11.66 38.86 0.62
CA LYS A 253 -10.36 38.31 0.28
C LYS A 253 -9.64 37.82 1.53
N GLY A 254 -8.89 36.74 1.38
CA GLY A 254 -8.13 36.17 2.47
C GLY A 254 -6.64 36.50 2.38
N LEU A 255 -6.00 36.55 3.55
CA LEU A 255 -4.56 36.83 3.64
C LEU A 255 -3.75 36.05 2.61
N ASN A 256 -4.02 34.75 2.49
CA ASN A 256 -3.27 33.94 1.53
C ASN A 256 -3.49 34.40 0.09
N GLU A 257 -4.60 35.08 -0.17
CA GLU A 257 -4.80 35.61 -1.52
C GLU A 257 -3.99 36.90 -1.74
N TYR A 258 -4.05 37.82 -0.77
CA TYR A 258 -3.24 39.05 -0.80
C TYR A 258 -1.78 38.77 -1.06
N ILE A 259 -1.23 37.81 -0.30
CA ILE A 259 0.13 37.34 -0.52
C ILE A 259 0.31 36.89 -1.95
N ASN A 260 -0.72 36.23 -2.51
CA ASN A 260 -0.58 35.75 -3.87
C ASN A 260 -0.41 36.93 -4.84
N LEU A 261 -1.22 37.98 -4.69
CA LEU A 261 -1.08 39.16 -5.54
C LEU A 261 0.31 39.78 -5.41
N TYR A 262 0.74 40.04 -4.17
CA TYR A 262 2.00 40.72 -3.92
C TYR A 262 3.17 39.96 -4.55
N ASN A 263 3.32 38.67 -4.20
CA ASN A 263 4.42 37.87 -4.73
C ASN A 263 4.34 37.69 -6.24
N GLN A 264 3.13 37.56 -6.77
CA GLN A 264 2.91 37.60 -8.22
C GLN A 264 3.45 38.90 -8.80
N LYS A 265 2.85 40.01 -8.39
CA LYS A 265 3.09 41.30 -9.04
C LYS A 265 4.55 41.76 -8.92
N THR A 266 5.24 41.46 -7.82
CA THR A 266 6.65 41.84 -7.69
C THR A 266 7.62 40.70 -7.96
N LYS A 267 7.24 39.73 -8.80
CA LYS A 267 8.05 38.56 -9.17
C LYS A 267 8.88 38.00 -8.03
N GLN A 268 8.27 37.88 -6.85
CA GLN A 268 8.90 37.43 -5.61
C GLN A 268 8.25 36.12 -5.14
N LYS A 269 8.80 35.51 -4.06
CA LYS A 269 8.30 34.20 -3.58
C LYS A 269 8.21 34.15 -2.04
N LEU A 270 7.40 35.03 -1.46
CA LEU A 270 7.09 34.93 -0.04
C LEU A 270 6.25 33.68 0.24
N PRO A 271 6.17 33.26 1.50
CA PRO A 271 5.46 32.02 1.83
C PRO A 271 3.98 32.25 2.11
N LYS A 272 3.24 31.14 2.12
CA LYS A 272 1.79 31.14 2.18
C LYS A 272 1.35 30.29 3.37
N PHE A 273 0.24 30.69 4.00
CA PHE A 273 -0.25 30.02 5.19
C PHE A 273 -0.82 28.66 4.83
N LYS A 274 -0.51 27.65 5.67
CA LYS A 274 -1.18 26.35 5.57
C LYS A 274 -2.50 26.44 6.35
N PRO A 275 -3.59 25.86 5.83
CA PRO A 275 -4.80 25.80 6.64
C PRO A 275 -4.73 24.66 7.66
N LEU A 276 -5.47 24.82 8.76
CA LEU A 276 -5.49 23.82 9.81
C LEU A 276 -6.33 22.64 9.39
N TYR A 277 -5.96 21.45 9.86
CA TYR A 277 -6.75 20.26 9.59
C TYR A 277 -8.08 20.34 10.35
N LYS A 278 -9.06 19.56 9.91
CA LYS A 278 -10.33 19.55 10.63
C LYS A 278 -10.17 18.82 11.95
N GLN A 279 -11.10 19.08 12.88
CA GLN A 279 -11.16 18.29 14.08
C GLN A 279 -11.70 16.90 13.75
N VAL A 280 -11.61 15.98 14.71
CA VAL A 280 -11.67 14.57 14.29
C VAL A 280 -13.05 14.08 13.93
N LEU A 281 -14.15 14.74 14.27
CA LEU A 281 -15.41 14.13 13.87
C LEU A 281 -16.26 14.93 12.90
N SER A 282 -15.88 16.16 12.57
CA SER A 282 -16.75 17.06 11.84
C SER A 282 -17.01 16.54 10.44
N ASP A 283 -18.13 16.95 9.83
CA ASP A 283 -18.36 16.58 8.42
C ASP A 283 -17.83 17.65 7.46
N GLU A 292 -20.13 7.89 -3.37
CA GLU A 292 -20.43 6.60 -2.73
C GLU A 292 -20.59 5.50 -3.77
N GLY A 293 -20.58 5.87 -5.05
CA GLY A 293 -20.68 4.92 -6.14
C GLY A 293 -22.09 4.77 -6.67
N TYR A 294 -22.19 4.14 -7.84
CA TYR A 294 -23.47 3.99 -8.55
C TYR A 294 -24.03 2.58 -8.40
N THR A 295 -25.35 2.49 -8.22
CA THR A 295 -25.98 1.29 -7.70
C THR A 295 -26.80 0.51 -8.73
N SER A 296 -26.94 1.00 -9.96
CA SER A 296 -27.79 0.32 -10.92
C SER A 296 -27.50 0.85 -12.32
N ASP A 297 -27.81 0.02 -13.31
CA ASP A 297 -27.69 0.46 -14.70
C ASP A 297 -28.45 1.73 -14.97
N GLU A 298 -29.59 1.92 -14.30
CA GLU A 298 -30.41 3.08 -14.59
C GLU A 298 -29.78 4.34 -14.01
N GLU A 299 -29.24 4.23 -12.80
CA GLU A 299 -28.60 5.38 -12.18
C GLU A 299 -27.35 5.80 -12.95
N VAL A 300 -26.54 4.82 -13.36
CA VAL A 300 -25.38 5.13 -14.20
C VAL A 300 -25.83 5.82 -15.48
N LEU A 301 -26.79 5.21 -16.19
CA LEU A 301 -27.25 5.79 -17.44
C LEU A 301 -27.75 7.21 -17.21
N GLU A 302 -28.65 7.37 -16.23
CA GLU A 302 -29.23 8.68 -15.93
C GLU A 302 -28.17 9.76 -15.70
N VAL A 303 -27.10 9.44 -14.97
CA VAL A 303 -26.04 10.44 -14.74
C VAL A 303 -25.35 10.79 -16.05
N PHE A 304 -25.03 9.78 -16.84
CA PHE A 304 -24.39 10.01 -18.13
C PHE A 304 -25.22 10.95 -19.02
N ARG A 305 -26.55 10.85 -18.95
CA ARG A 305 -27.36 11.70 -19.82
C ARG A 305 -27.48 13.11 -19.26
N ASN A 306 -27.50 13.22 -17.94
CA ASN A 306 -27.82 14.49 -17.29
C ASN A 306 -26.63 15.44 -17.25
N THR A 307 -25.43 14.89 -17.07
CA THR A 307 -24.24 15.73 -16.96
C THR A 307 -23.54 15.93 -18.30
N LEU A 308 -23.92 15.18 -19.34
CA LEU A 308 -23.17 15.21 -20.58
C LEU A 308 -24.03 15.28 -21.83
N ASN A 309 -25.32 15.59 -21.70
CA ASN A 309 -26.11 15.85 -22.90
C ASN A 309 -25.76 17.23 -23.47
N LYS A 310 -26.18 17.46 -24.72
CA LYS A 310 -25.75 18.64 -25.45
C LYS A 310 -26.22 19.95 -24.81
N ASN A 311 -27.13 19.90 -23.83
CA ASN A 311 -27.48 21.09 -23.05
C ASN A 311 -27.22 20.92 -21.55
N SER A 312 -26.30 20.03 -21.19
CA SER A 312 -25.75 20.03 -19.85
C SER A 312 -24.76 21.17 -19.69
N GLU A 313 -24.38 21.45 -18.44
CA GLU A 313 -23.49 22.57 -18.17
C GLU A 313 -22.04 22.28 -18.53
N ILE A 314 -21.64 21.02 -18.56
CA ILE A 314 -20.29 20.70 -19.00
C ILE A 314 -20.15 20.95 -20.49
N PHE A 315 -21.15 20.53 -21.28
CA PHE A 315 -21.12 20.82 -22.71
C PHE A 315 -21.10 22.32 -22.96
N SER A 316 -21.79 23.10 -22.12
CA SER A 316 -21.79 24.55 -22.24
C SER A 316 -20.40 25.13 -22.05
N SER A 317 -19.64 24.60 -21.07
CA SER A 317 -18.31 25.12 -20.80
C SER A 317 -17.28 24.65 -21.81
N ILE A 318 -17.59 23.61 -22.59
CA ILE A 318 -16.76 23.27 -23.74
C ILE A 318 -16.94 24.30 -24.84
N LYS A 319 -18.21 24.60 -25.17
CA LYS A 319 -18.49 25.59 -26.20
C LYS A 319 -17.83 26.93 -25.88
N LYS A 320 -17.77 27.28 -24.60
CA LYS A 320 -17.16 28.53 -24.17
C LYS A 320 -15.63 28.47 -24.29
N LEU A 321 -15.03 27.32 -23.98
CA LEU A 321 -13.58 27.18 -24.13
C LEU A 321 -13.16 27.05 -25.59
N GLU A 322 -14.09 26.67 -26.48
CA GLU A 322 -13.81 26.74 -27.91
C GLU A 322 -13.75 28.19 -28.39
N LYS A 323 -14.70 29.01 -27.95
CA LYS A 323 -14.72 30.43 -28.30
C LYS A 323 -13.52 31.17 -27.70
N LEU A 324 -13.17 30.84 -26.45
CA LEU A 324 -12.01 31.46 -25.82
C LEU A 324 -10.73 31.17 -26.59
N PHE A 325 -10.51 29.91 -26.95
CA PHE A 325 -9.27 29.51 -27.60
C PHE A 325 -9.26 29.80 -29.09
N LYS A 326 -10.43 29.95 -29.72
CA LYS A 326 -10.46 30.50 -31.07
C LYS A 326 -9.93 31.93 -31.09
N ASN A 327 -10.19 32.69 -30.02
CA ASN A 327 -9.72 34.06 -29.80
C ASN A 327 -8.40 34.11 -29.05
N PHE A 328 -7.50 33.16 -29.30
CA PHE A 328 -6.25 33.08 -28.56
C PHE A 328 -5.30 34.23 -28.93
N ASP A 329 -5.37 34.69 -30.19
CA ASP A 329 -4.49 35.76 -30.65
C ASP A 329 -4.78 37.08 -29.94
N GLU A 330 -6.06 37.35 -29.65
CA GLU A 330 -6.51 38.61 -29.08
C GLU A 330 -5.96 38.87 -27.69
N TYR A 331 -5.27 37.90 -27.09
CA TYR A 331 -4.76 38.03 -25.74
C TYR A 331 -3.24 38.17 -25.74
N SER A 332 -2.74 38.61 -24.60
CA SER A 332 -1.32 38.88 -24.42
C SER A 332 -0.57 37.59 -24.17
N SER A 333 0.34 37.23 -25.08
CA SER A 333 1.13 36.02 -24.89
C SER A 333 2.11 36.13 -23.73
N ALA A 334 2.37 37.32 -23.20
CA ALA A 334 3.25 37.44 -22.04
C ALA A 334 2.50 37.27 -20.72
N GLY A 335 1.17 37.23 -20.75
CA GLY A 335 0.37 36.98 -19.56
C GLY A 335 -0.47 35.72 -19.66
N ILE A 336 0.02 34.73 -20.42
CA ILE A 336 -0.56 33.40 -20.52
C ILE A 336 0.54 32.39 -20.21
N PHE A 337 0.29 31.50 -19.25
CA PHE A 337 1.35 30.65 -18.69
C PHE A 337 0.97 29.17 -18.70
N VAL A 338 2.00 28.34 -18.82
CA VAL A 338 1.88 26.89 -18.92
C VAL A 338 2.60 26.27 -17.73
N LYS A 339 1.84 25.63 -16.82
CA LYS A 339 2.42 25.02 -15.63
C LYS A 339 3.58 24.11 -15.99
N ASN A 340 4.55 24.03 -15.09
CA ASN A 340 5.75 23.23 -15.31
C ASN A 340 5.52 21.82 -14.77
N GLY A 341 5.87 20.81 -15.56
CA GLY A 341 5.69 19.43 -15.18
C GLY A 341 5.63 18.53 -16.41
N PRO A 342 4.77 17.50 -16.36
CA PRO A 342 4.57 16.70 -17.58
C PRO A 342 4.03 17.49 -18.76
N ALA A 343 3.21 18.51 -18.52
CA ALA A 343 2.61 19.27 -19.61
C ALA A 343 3.64 20.05 -20.43
N ILE A 344 4.83 20.29 -19.89
CA ILE A 344 5.87 20.95 -20.68
C ILE A 344 6.43 19.98 -21.71
N SER A 345 6.64 18.73 -21.32
CA SER A 345 7.06 17.69 -22.27
C SER A 345 6.03 17.56 -23.39
N THR A 346 4.75 17.47 -23.04
CA THR A 346 3.69 17.24 -24.03
C THR A 346 3.61 18.40 -25.02
N ILE A 347 3.47 19.63 -24.50
CA ILE A 347 3.28 20.79 -25.37
C ILE A 347 4.54 21.09 -26.17
N SER A 348 5.72 20.71 -25.65
CA SER A 348 6.92 20.80 -26.47
C SER A 348 6.78 19.93 -27.72
N LYS A 349 6.32 18.69 -27.54
CA LYS A 349 6.12 17.77 -28.66
C LYS A 349 5.03 18.25 -29.60
N ASP A 350 4.00 18.90 -29.08
CA ASP A 350 2.81 19.14 -29.88
C ASP A 350 3.12 20.05 -31.06
N ILE A 351 3.96 21.06 -30.84
CA ILE A 351 4.14 22.16 -31.79
C ILE A 351 5.53 22.13 -32.47
N PHE A 352 6.62 21.82 -31.74
CA PHE A 352 7.87 21.50 -32.44
C PHE A 352 7.98 20.09 -32.99
N GLY A 353 7.22 19.13 -32.49
CA GLY A 353 7.52 17.72 -32.73
C GLY A 353 8.60 17.15 -31.85
N GLU A 354 9.05 17.87 -30.81
CA GLU A 354 10.21 17.46 -30.03
C GLU A 354 9.99 17.71 -28.54
N TRP A 355 10.16 16.65 -27.74
CA TRP A 355 10.01 16.74 -26.29
C TRP A 355 10.97 17.74 -25.69
N ASN A 356 12.26 17.64 -26.04
CA ASN A 356 13.31 18.33 -25.30
C ASN A 356 13.93 19.49 -26.10
N VAL A 357 13.18 20.10 -27.03
CA VAL A 357 13.65 21.33 -27.66
C VAL A 357 13.30 22.55 -26.81
N ILE A 358 12.11 22.55 -26.20
CA ILE A 358 11.79 23.57 -25.19
C ILE A 358 12.71 23.43 -23.98
N ARG A 359 13.07 22.19 -23.62
CA ARG A 359 14.15 21.95 -22.67
C ARG A 359 15.43 22.66 -23.11
N ASP A 360 15.77 22.56 -24.40
CA ASP A 360 17.04 23.09 -24.89
C ASP A 360 17.07 24.61 -24.93
N LYS A 361 15.95 25.24 -25.30
CA LYS A 361 15.97 26.68 -25.55
C LYS A 361 15.91 27.50 -24.26
N TRP A 362 15.72 26.85 -23.11
CA TRP A 362 16.07 27.48 -21.86
C TRP A 362 17.33 26.88 -21.25
N ASN A 363 17.77 25.71 -21.76
CA ASN A 363 19.17 25.33 -21.62
C ASN A 363 20.07 26.22 -22.48
N ALA A 364 19.52 26.83 -23.55
CA ALA A 364 20.31 27.70 -24.41
C ALA A 364 20.85 28.92 -23.67
N GLU A 365 20.05 29.48 -22.75
CA GLU A 365 20.55 30.55 -21.88
C GLU A 365 21.42 29.99 -20.77
N TYR A 366 20.95 28.92 -20.11
CA TYR A 366 21.59 28.44 -18.89
C TYR A 366 22.91 27.72 -19.16
N ASP A 367 23.05 27.10 -20.33
CA ASP A 367 24.29 26.36 -20.63
C ASP A 367 25.49 27.29 -20.73
N ALA A 375 32.60 24.60 -20.94
CA ALA A 375 31.35 24.02 -20.43
C ALA A 375 31.58 22.68 -19.74
N VAL A 376 32.01 22.70 -18.47
CA VAL A 376 32.31 21.48 -17.73
C VAL A 376 31.23 21.26 -16.67
N VAL A 377 30.96 19.99 -16.39
CA VAL A 377 29.79 19.57 -15.61
C VAL A 377 30.30 18.74 -14.44
N THR A 378 30.58 19.37 -13.31
CA THR A 378 30.64 18.63 -12.06
C THR A 378 29.20 18.39 -11.62
N GLU A 379 28.92 17.19 -11.06
CA GLU A 379 27.52 16.86 -10.77
C GLU A 379 26.94 17.75 -9.67
N LYS A 380 27.78 18.33 -8.81
CA LYS A 380 27.29 19.34 -7.88
C LYS A 380 26.79 20.57 -8.62
N TYR A 381 27.42 20.90 -9.77
CA TYR A 381 26.92 21.92 -10.69
C TYR A 381 25.84 21.36 -11.62
N GLU A 382 25.80 20.03 -11.79
CA GLU A 382 24.75 19.43 -12.61
C GLU A 382 23.45 19.29 -11.84
N ASP A 383 23.53 19.09 -10.52
CA ASP A 383 22.31 19.09 -9.71
C ASP A 383 21.76 20.52 -9.57
N ASP A 384 22.58 21.48 -9.14
CA ASP A 384 22.18 22.89 -9.17
C ASP A 384 21.79 23.35 -10.57
N ARG A 385 22.37 22.73 -11.61
CA ARG A 385 21.71 22.75 -12.91
C ARG A 385 20.33 22.13 -12.71
N ARG A 386 20.21 20.80 -12.80
CA ARG A 386 18.93 20.07 -12.82
C ARG A 386 17.90 20.48 -11.76
N LYS A 387 18.30 21.19 -10.70
CA LYS A 387 17.38 21.54 -9.61
C LYS A 387 16.72 22.93 -9.79
N SER A 388 17.52 23.96 -10.12
CA SER A 388 16.95 25.30 -10.37
C SER A 388 15.88 25.24 -11.45
N PHE A 389 16.20 24.62 -12.56
CA PHE A 389 15.28 23.93 -13.46
C PHE A 389 13.93 23.60 -12.84
N LYS A 390 13.87 22.62 -11.93
CA LYS A 390 12.61 22.17 -11.32
C LYS A 390 11.97 23.28 -10.47
N LYS A 391 12.79 24.24 -10.01
CA LYS A 391 12.27 25.33 -9.16
C LYS A 391 11.28 26.21 -9.90
N ILE A 392 11.52 26.44 -11.20
CA ILE A 392 10.65 27.34 -11.97
C ILE A 392 9.22 26.81 -11.96
N GLY A 393 8.27 27.73 -11.79
CA GLY A 393 6.89 27.34 -11.66
C GLY A 393 6.19 27.12 -12.98
N SER A 394 6.49 27.95 -13.98
CA SER A 394 5.79 27.88 -15.26
C SER A 394 6.58 28.67 -16.30
N PHE A 395 5.99 28.78 -17.49
CA PHE A 395 6.58 29.48 -18.62
C PHE A 395 5.47 30.21 -19.36
N SER A 396 5.76 31.43 -19.82
CA SER A 396 4.78 32.23 -20.54
C SER A 396 4.73 31.82 -22.02
N LEU A 397 3.63 32.17 -22.69
CA LEU A 397 3.57 31.98 -24.14
C LEU A 397 4.59 32.86 -24.84
N GLU A 398 5.01 33.93 -24.18
CA GLU A 398 6.06 34.78 -24.72
C GLU A 398 7.44 34.13 -24.57
N GLN A 399 7.75 33.65 -23.35
CA GLN A 399 8.99 32.90 -23.14
C GLN A 399 9.08 31.70 -24.08
N LEU A 400 7.96 31.00 -24.29
CA LEU A 400 7.93 29.83 -25.17
C LEU A 400 8.02 30.23 -26.64
N GLN A 401 7.66 31.48 -26.96
CA GLN A 401 7.91 31.99 -28.30
C GLN A 401 9.34 32.50 -28.42
N GLU A 402 9.93 32.96 -27.30
CA GLU A 402 11.36 33.29 -27.26
C GLU A 402 12.21 32.09 -27.68
N TYR A 403 11.70 30.88 -27.46
CA TYR A 403 12.33 29.64 -27.84
C TYR A 403 12.00 29.25 -29.27
N ALA A 404 10.80 29.60 -29.71
CA ALA A 404 10.30 29.21 -31.02
C ALA A 404 11.09 29.90 -32.11
N ASP A 405 11.74 29.10 -32.95
CA ASP A 405 12.43 29.61 -34.13
C ASP A 405 11.49 30.53 -34.90
N ALA A 406 12.08 31.53 -35.56
CA ALA A 406 11.27 32.44 -36.35
C ALA A 406 10.48 31.68 -37.40
N ASP A 407 9.39 32.30 -37.85
CA ASP A 407 8.43 31.82 -38.86
C ASP A 407 7.44 30.84 -38.21
N LEU A 408 7.64 30.46 -36.94
CA LEU A 408 6.79 29.48 -36.26
C LEU A 408 6.05 30.16 -35.12
N SER A 409 4.72 30.14 -35.18
CA SER A 409 3.85 30.83 -34.23
C SER A 409 3.40 29.83 -33.17
N VAL A 410 3.88 30.01 -31.93
CA VAL A 410 3.53 29.09 -30.85
C VAL A 410 2.04 29.19 -30.52
N VAL A 411 1.46 30.39 -30.58
CA VAL A 411 0.05 30.58 -30.21
C VAL A 411 -0.87 30.03 -31.30
N GLU A 412 -0.47 30.15 -32.57
CA GLU A 412 -1.32 29.68 -33.64
C GLU A 412 -1.41 28.16 -33.70
N LYS A 413 -0.29 27.47 -33.50
CA LYS A 413 -0.33 26.02 -33.67
C LYS A 413 -0.93 25.38 -32.41
N LEU A 414 -0.78 26.03 -31.24
CA LEU A 414 -1.57 25.64 -30.07
C LEU A 414 -3.06 25.76 -30.34
N LYS A 415 -3.48 26.85 -31.01
CA LYS A 415 -4.89 27.03 -31.32
C LYS A 415 -5.41 25.88 -32.18
N GLU A 416 -4.58 25.40 -33.10
CA GLU A 416 -5.01 24.33 -34.00
C GLU A 416 -5.10 23.00 -33.28
N ILE A 417 -4.29 22.81 -32.24
CA ILE A 417 -4.31 21.57 -31.47
C ILE A 417 -5.50 21.54 -30.51
N ILE A 418 -5.70 22.62 -29.75
CA ILE A 418 -6.83 22.68 -28.84
C ILE A 418 -8.13 22.53 -29.62
N ILE A 419 -8.27 23.31 -30.71
CA ILE A 419 -9.48 23.27 -31.52
C ILE A 419 -9.68 21.88 -32.14
N GLN A 420 -8.57 21.19 -32.46
CA GLN A 420 -8.65 19.81 -32.92
C GLN A 420 -9.29 18.92 -31.87
N LYS A 421 -8.96 19.15 -30.59
CA LYS A 421 -9.49 18.27 -29.55
C LYS A 421 -10.99 18.48 -29.35
N VAL A 422 -11.50 19.69 -29.57
CA VAL A 422 -12.95 19.91 -29.42
C VAL A 422 -13.71 19.39 -30.62
N ASP A 423 -13.11 19.41 -31.82
CA ASP A 423 -13.73 18.76 -32.97
C ASP A 423 -13.76 17.24 -32.77
N GLU A 424 -12.76 16.70 -32.07
CA GLU A 424 -12.78 15.29 -31.74
C GLU A 424 -13.94 15.01 -30.77
N ILE A 425 -14.16 15.90 -29.81
CA ILE A 425 -15.30 15.75 -28.88
C ILE A 425 -16.61 15.77 -29.65
N TYR A 426 -16.79 16.75 -30.53
CA TYR A 426 -18.05 16.88 -31.27
C TYR A 426 -18.26 15.71 -32.21
N LYS A 427 -17.20 15.22 -32.85
CA LYS A 427 -17.33 14.04 -33.70
C LYS A 427 -17.77 12.84 -32.88
N VAL A 428 -17.21 12.69 -31.68
CA VAL A 428 -17.57 11.59 -30.80
C VAL A 428 -18.98 11.78 -30.22
N TYR A 429 -19.48 13.01 -30.18
CA TYR A 429 -20.84 13.22 -29.71
C TYR A 429 -21.88 12.72 -30.71
N GLY A 430 -21.58 12.84 -32.01
CA GLY A 430 -22.53 12.39 -33.03
C GLY A 430 -22.59 10.88 -33.17
N SER A 431 -21.50 10.19 -32.87
CA SER A 431 -21.49 8.74 -32.80
C SER A 431 -22.20 8.22 -31.55
N SER A 432 -22.54 9.10 -30.62
CA SER A 432 -23.16 8.75 -29.36
C SER A 432 -24.57 9.31 -29.22
N GLU A 433 -25.11 9.87 -30.30
CA GLU A 433 -26.27 10.75 -30.18
C GLU A 433 -27.48 10.00 -29.63
N LYS A 434 -27.65 8.74 -30.06
CA LYS A 434 -28.81 7.96 -29.62
C LYS A 434 -28.76 7.61 -28.14
N LEU A 435 -27.63 7.78 -27.47
CA LEU A 435 -27.64 7.54 -26.03
C LEU A 435 -28.26 8.70 -25.26
N PHE A 436 -28.53 9.82 -25.91
CA PHE A 436 -29.08 10.98 -25.23
C PHE A 436 -30.56 11.22 -25.53
N ASP A 437 -31.15 10.49 -26.48
CA ASP A 437 -32.59 10.52 -26.71
C ASP A 437 -33.31 10.29 -25.39
N ALA A 438 -34.30 11.14 -25.08
CA ALA A 438 -35.20 10.81 -23.98
C ALA A 438 -35.90 9.48 -24.21
N ASP A 439 -35.93 9.01 -25.46
CA ASP A 439 -36.59 7.77 -25.86
C ASP A 439 -35.76 6.51 -25.60
N PHE A 440 -34.50 6.65 -25.21
CA PHE A 440 -33.63 5.49 -25.09
C PHE A 440 -33.97 4.67 -23.85
N VAL A 441 -34.05 3.37 -24.04
CA VAL A 441 -34.14 2.40 -22.96
C VAL A 441 -33.13 1.29 -23.22
N LEU A 442 -32.67 0.68 -22.14
CA LEU A 442 -31.53 -0.22 -22.17
C LEU A 442 -31.99 -1.64 -22.47
N GLU A 443 -31.44 -2.23 -23.53
CA GLU A 443 -31.78 -3.61 -23.87
C GLU A 443 -31.13 -4.59 -22.90
N LYS A 444 -29.83 -4.44 -22.62
CA LYS A 444 -29.07 -5.40 -21.84
C LYS A 444 -28.30 -4.67 -20.73
N SER A 445 -27.88 -5.43 -19.72
CA SER A 445 -27.02 -4.87 -18.70
C SER A 445 -25.72 -4.35 -19.29
N LEU A 446 -25.16 -3.30 -18.68
CA LEU A 446 -23.96 -2.66 -19.20
C LEU A 446 -22.78 -3.64 -19.34
N LYS A 447 -22.52 -4.45 -18.32
CA LYS A 447 -21.39 -5.38 -18.43
C LYS A 447 -21.64 -6.39 -19.54
N LYS A 448 -22.93 -6.72 -19.77
CA LYS A 448 -23.32 -7.50 -20.94
C LYS A 448 -23.28 -6.67 -22.22
N ASN A 449 -23.54 -5.36 -22.11
CA ASN A 449 -23.66 -4.48 -23.27
C ASN A 449 -22.34 -3.73 -23.49
N ASP A 450 -21.38 -4.41 -24.14
CA ASP A 450 -20.11 -3.78 -24.48
C ASP A 450 -20.31 -2.58 -25.39
N ALA A 451 -21.24 -2.69 -26.34
CA ALA A 451 -21.50 -1.59 -27.25
C ALA A 451 -21.76 -0.29 -26.50
N VAL A 452 -22.69 -0.31 -25.54
CA VAL A 452 -23.09 0.91 -24.83
C VAL A 452 -21.94 1.46 -24.01
N VAL A 453 -21.21 0.61 -23.30
CA VAL A 453 -20.16 1.10 -22.42
C VAL A 453 -19.04 1.74 -23.25
N ALA A 454 -18.70 1.13 -24.38
CA ALA A 454 -17.67 1.70 -25.24
C ALA A 454 -18.10 3.05 -25.83
N ILE A 455 -19.42 3.28 -25.92
CA ILE A 455 -19.91 4.58 -26.35
C ILE A 455 -19.72 5.63 -25.26
N MET A 456 -20.02 5.26 -24.01
CA MET A 456 -19.81 6.16 -22.88
C MET A 456 -18.33 6.38 -22.58
N LYS A 457 -17.51 5.34 -22.76
CA LYS A 457 -16.07 5.48 -22.55
C LYS A 457 -15.47 6.45 -23.56
N ASP A 458 -15.79 6.26 -24.83
CA ASP A 458 -15.17 7.04 -25.90
C ASP A 458 -15.40 8.53 -25.70
N LEU A 459 -16.63 8.90 -25.31
CA LEU A 459 -16.99 10.29 -25.08
C LEU A 459 -16.29 10.82 -23.83
N LEU A 460 -16.34 10.05 -22.74
CA LEU A 460 -15.66 10.42 -21.51
C LEU A 460 -14.16 10.61 -21.74
N ASP A 461 -13.54 9.71 -22.49
CA ASP A 461 -12.12 9.85 -22.79
C ASP A 461 -11.83 11.18 -23.50
N SER A 462 -12.44 11.38 -24.67
CA SER A 462 -12.17 12.59 -25.46
C SER A 462 -12.44 13.87 -24.67
N VAL A 463 -13.46 13.88 -23.81
CA VAL A 463 -13.66 15.00 -22.90
C VAL A 463 -12.58 15.04 -21.84
N LYS A 464 -12.16 13.86 -21.36
CA LYS A 464 -11.17 13.80 -20.28
C LYS A 464 -9.78 14.16 -20.81
N SER A 465 -9.52 13.94 -22.11
CA SER A 465 -8.22 14.32 -22.66
C SER A 465 -8.18 15.81 -22.96
N PHE A 466 -9.25 16.34 -23.54
CA PHE A 466 -9.36 17.79 -23.68
C PHE A 466 -9.20 18.46 -22.33
N GLU A 467 -9.95 18.00 -21.33
CA GLU A 467 -9.84 18.60 -20.00
C GLU A 467 -8.42 18.49 -19.48
N ASN A 468 -7.82 17.29 -19.53
CA ASN A 468 -6.51 17.09 -18.91
C ASN A 468 -5.40 17.79 -19.68
N TYR A 469 -5.66 18.17 -20.92
CA TYR A 469 -4.69 18.92 -21.71
C TYR A 469 -4.75 20.41 -21.42
N ILE A 470 -5.96 20.97 -21.47
CA ILE A 470 -6.19 22.38 -21.24
C ILE A 470 -5.67 22.80 -19.87
N LYS A 471 -5.79 21.92 -18.88
CA LYS A 471 -5.35 22.22 -17.52
C LYS A 471 -3.93 22.76 -17.44
N ALA A 472 -3.17 22.66 -18.53
CA ALA A 472 -1.78 23.13 -18.50
C ALA A 472 -1.70 24.63 -18.37
N PHE A 473 -2.74 25.36 -18.77
CA PHE A 473 -2.70 26.82 -18.85
C PHE A 473 -3.09 27.45 -17.51
N PHE A 474 -2.38 27.05 -16.46
CA PHE A 474 -2.53 27.67 -15.14
C PHE A 474 -1.28 28.43 -14.73
N GLY A 475 -0.15 27.75 -14.62
CA GLY A 475 1.05 28.37 -14.09
C GLY A 475 1.11 28.46 -12.60
N GLU A 476 0.20 27.77 -11.89
CA GLU A 476 0.05 27.77 -10.42
C GLU A 476 0.22 29.16 -9.82
N GLY A 477 -0.19 30.21 -10.54
CA GLY A 477 0.24 31.56 -10.23
C GLY A 477 -0.63 32.24 -9.16
N LYS A 478 0.02 32.90 -8.18
CA LYS A 478 1.50 33.03 -7.94
C LYS A 478 2.35 33.57 -9.14
N GLU A 479 1.83 34.55 -9.86
CA GLU A 479 2.31 34.82 -11.21
C GLU A 479 2.21 36.29 -11.56
N THR A 480 3.33 36.89 -11.96
CA THR A 480 3.35 38.29 -12.38
C THR A 480 2.30 38.53 -13.47
N ASN A 481 1.77 39.77 -13.47
CA ASN A 481 0.54 40.21 -14.16
C ASN A 481 -0.01 39.19 -15.16
N ARG A 482 -1.18 38.67 -14.85
CA ARG A 482 -1.79 37.63 -15.66
C ARG A 482 -2.89 38.27 -16.51
N ASP A 483 -3.03 37.76 -17.73
CA ASP A 483 -4.10 38.22 -18.62
C ASP A 483 -5.44 37.81 -18.04
N GLU A 484 -5.92 38.62 -17.08
CA GLU A 484 -7.20 38.33 -16.44
C GLU A 484 -8.38 38.42 -17.42
N SER A 485 -8.14 38.95 -18.62
CA SER A 485 -9.18 38.94 -19.65
C SER A 485 -9.36 37.56 -20.23
N PHE A 486 -8.29 36.76 -20.23
CA PHE A 486 -8.33 35.37 -20.67
C PHE A 486 -8.71 34.41 -19.54
N TYR A 487 -8.17 34.62 -18.34
CA TYR A 487 -8.38 33.72 -17.21
C TYR A 487 -9.74 33.91 -16.54
N GLY A 488 -10.39 35.04 -16.78
CA GLY A 488 -11.75 35.25 -16.32
C GLY A 488 -12.67 34.25 -16.98
N ASP A 489 -12.75 34.28 -18.32
CA ASP A 489 -13.59 33.32 -19.04
C ASP A 489 -13.09 31.89 -18.84
N PHE A 490 -11.77 31.72 -18.74
CA PHE A 490 -11.19 30.37 -18.68
C PHE A 490 -11.53 29.69 -17.36
N VAL A 491 -11.30 30.37 -16.24
CA VAL A 491 -11.58 29.78 -14.93
C VAL A 491 -13.08 29.50 -14.78
N LEU A 492 -13.93 30.47 -15.14
CA LEU A 492 -15.38 30.25 -15.11
C LEU A 492 -15.75 28.93 -15.77
N ALA A 493 -15.22 28.69 -16.99
CA ALA A 493 -15.64 27.55 -17.79
C ALA A 493 -14.89 26.26 -17.43
N TYR A 494 -13.65 26.38 -16.93
CA TYR A 494 -12.91 25.17 -16.55
C TYR A 494 -13.41 24.57 -15.25
N ASP A 495 -13.90 25.39 -14.34
CA ASP A 495 -14.41 24.84 -13.09
C ASP A 495 -15.67 24.00 -13.33
N ILE A 496 -16.47 24.35 -14.34
CA ILE A 496 -17.56 23.47 -14.75
C ILE A 496 -17.01 22.19 -15.38
N LEU A 497 -15.92 22.31 -16.16
CA LEU A 497 -15.43 21.17 -16.93
C LEU A 497 -14.82 20.09 -16.05
N LEU A 498 -14.20 20.46 -14.93
CA LEU A 498 -13.52 19.49 -14.06
C LEU A 498 -14.49 18.49 -13.40
N LYS A 499 -15.81 18.74 -13.47
CA LYS A 499 -16.77 17.79 -12.90
C LYS A 499 -16.75 16.43 -13.58
N VAL A 500 -16.27 16.34 -14.83
CA VAL A 500 -16.20 15.07 -15.55
C VAL A 500 -15.30 14.10 -14.83
N ASP A 501 -14.38 14.61 -14.01
CA ASP A 501 -13.38 13.77 -13.38
C ASP A 501 -14.05 12.75 -12.47
N HIS A 502 -14.74 13.22 -11.42
CA HIS A 502 -15.58 12.37 -10.57
C HIS A 502 -16.46 11.42 -11.38
N ILE A 503 -17.17 11.97 -12.36
CA ILE A 503 -18.13 11.16 -13.11
C ILE A 503 -17.41 10.07 -13.89
N TYR A 504 -16.19 10.36 -14.37
CA TYR A 504 -15.39 9.35 -15.06
C TYR A 504 -15.05 8.19 -14.13
N ASP A 505 -14.47 8.50 -12.96
CA ASP A 505 -14.09 7.45 -12.03
C ASP A 505 -15.29 6.58 -11.68
N ALA A 506 -16.37 7.18 -11.17
CA ALA A 506 -17.47 6.38 -10.65
C ALA A 506 -18.09 5.48 -11.73
N ILE A 507 -18.13 5.94 -12.98
CA ILE A 507 -18.73 5.14 -14.04
C ILE A 507 -17.80 4.01 -14.45
N ARG A 508 -16.49 4.23 -14.40
CA ARG A 508 -15.56 3.13 -14.62
C ARG A 508 -15.67 2.10 -13.51
N ASN A 509 -15.42 2.52 -12.26
CA ASN A 509 -15.50 1.68 -11.05
C ASN A 509 -16.72 0.78 -11.10
N TYR A 510 -17.77 1.26 -11.75
CA TYR A 510 -18.99 0.48 -11.88
C TYR A 510 -18.85 -0.61 -12.93
N VAL A 511 -18.40 -0.28 -14.13
CA VAL A 511 -18.33 -1.31 -15.16
C VAL A 511 -17.26 -2.35 -14.80
N THR A 512 -16.24 -1.93 -14.04
CA THR A 512 -15.13 -2.81 -13.67
C THR A 512 -15.44 -3.69 -12.47
N GLN A 513 -16.43 -3.33 -11.65
CA GLN A 513 -16.91 -4.13 -10.51
C GLN A 513 -17.29 -5.56 -10.98
N LYS A 514 -17.46 -6.46 -10.01
CA LYS A 514 -17.91 -7.82 -10.32
C LYS A 514 -19.42 -7.86 -10.47
N PRO A 515 -19.95 -8.88 -11.16
CA PRO A 515 -21.41 -9.00 -11.29
C PRO A 515 -22.12 -9.46 -10.02
N TYR A 516 -21.44 -10.20 -9.15
CA TYR A 516 -21.97 -10.62 -7.86
C TYR A 516 -21.59 -9.59 -6.79
N SER A 517 -22.42 -9.49 -5.75
CA SER A 517 -22.06 -8.65 -4.62
C SER A 517 -21.70 -9.50 -3.41
N LYS A 518 -20.77 -8.97 -2.63
CA LYS A 518 -20.36 -9.56 -1.37
C LYS A 518 -21.11 -8.94 -0.21
N ASP A 519 -22.13 -8.14 -0.46
CA ASP A 519 -22.81 -7.44 0.61
C ASP A 519 -23.42 -8.47 1.55
N LYS A 520 -23.10 -8.37 2.85
CA LYS A 520 -23.68 -9.24 3.88
C LYS A 520 -24.07 -8.44 5.12
N PHE A 521 -24.63 -9.14 6.11
CA PHE A 521 -25.01 -8.53 7.38
C PHE A 521 -24.83 -9.52 8.51
N LYS A 522 -24.64 -8.99 9.70
CA LYS A 522 -24.29 -9.80 10.84
C LYS A 522 -25.53 -10.43 11.48
N LEU A 523 -25.43 -11.70 11.82
CA LEU A 523 -26.47 -12.42 12.54
C LEU A 523 -26.14 -12.44 14.02
N TYR A 524 -27.15 -12.13 14.85
CA TYR A 524 -26.98 -12.19 16.30
C TYR A 524 -27.77 -13.29 16.98
N PHE A 525 -28.76 -13.89 16.31
CA PHE A 525 -29.73 -14.76 16.96
C PHE A 525 -30.20 -14.14 18.29
N GLN A 526 -30.66 -12.88 18.17
CA GLN A 526 -31.30 -12.15 19.28
C GLN A 526 -30.43 -12.09 20.52
N ASN A 527 -29.13 -11.93 20.33
CA ASN A 527 -28.27 -11.95 21.50
C ASN A 527 -27.18 -10.88 21.34
N PRO A 528 -27.18 -9.83 22.15
CA PRO A 528 -26.23 -8.74 21.90
C PRO A 528 -24.79 -9.13 22.11
N GLN A 529 -24.47 -10.02 23.05
CA GLN A 529 -23.14 -10.60 23.11
C GLN A 529 -23.06 -11.92 22.37
N PHE A 530 -23.68 -12.05 21.19
CA PHE A 530 -23.77 -13.36 20.54
C PHE A 530 -22.39 -13.89 20.20
N MET A 531 -22.18 -15.16 20.48
CA MET A 531 -20.97 -15.86 20.08
C MET A 531 -19.74 -15.09 20.53
N GLY A 532 -19.79 -14.61 21.76
CA GLY A 532 -18.69 -13.82 22.27
C GLY A 532 -17.42 -14.64 22.42
N GLY A 533 -17.56 -15.84 22.97
CA GLY A 533 -16.38 -16.64 23.25
C GLY A 533 -16.78 -18.07 23.46
N TRP A 534 -15.80 -18.95 23.40
CA TRP A 534 -16.11 -20.36 23.38
C TRP A 534 -16.00 -20.99 24.74
N ASP A 535 -15.86 -20.21 25.80
CA ASP A 535 -15.61 -20.83 27.09
C ASP A 535 -16.83 -21.64 27.53
N LYS A 536 -16.55 -22.89 27.94
CA LYS A 536 -17.60 -23.79 28.43
C LYS A 536 -18.55 -23.13 29.42
N ASP A 537 -18.04 -22.29 30.32
CA ASP A 537 -18.92 -21.67 31.31
C ASP A 537 -19.82 -20.63 30.67
N LYS A 538 -19.28 -19.82 29.78
CA LYS A 538 -20.06 -18.77 29.12
C LYS A 538 -20.90 -19.31 27.97
N GLU A 539 -21.03 -20.63 27.85
CA GLU A 539 -21.71 -21.26 26.73
C GLU A 539 -23.20 -20.96 26.71
N THR A 540 -23.82 -20.85 27.88
CA THR A 540 -25.23 -20.49 27.91
C THR A 540 -25.43 -19.01 27.71
N ASP A 541 -24.40 -18.20 27.95
CA ASP A 541 -24.60 -16.79 27.69
C ASP A 541 -24.45 -16.48 26.21
N TYR A 542 -23.56 -17.17 25.51
CA TYR A 542 -23.25 -16.78 24.14
C TYR A 542 -24.16 -17.50 23.15
N ARG A 543 -24.64 -18.69 23.54
CA ARG A 543 -25.58 -19.52 22.79
C ARG A 543 -25.00 -20.02 21.48
N ALA A 544 -23.69 -20.27 21.44
CA ALA A 544 -23.07 -20.86 20.27
C ALA A 544 -21.90 -21.73 20.71
N THR A 545 -21.85 -22.96 20.20
CA THR A 545 -20.72 -23.81 20.48
C THR A 545 -20.37 -24.57 19.22
N ILE A 546 -19.37 -25.45 19.31
CA ILE A 546 -18.80 -26.14 18.17
C ILE A 546 -18.94 -27.64 18.38
N LEU A 547 -19.40 -28.36 17.35
CA LEU A 547 -19.52 -29.81 17.40
C LEU A 547 -18.71 -30.47 16.30
N ARG A 548 -18.20 -31.66 16.58
CA ARG A 548 -17.56 -32.46 15.56
C ARG A 548 -18.30 -33.79 15.43
N TYR A 549 -18.35 -34.31 14.20
CA TYR A 549 -18.81 -35.68 13.94
C TYR A 549 -17.96 -36.29 12.83
N GLY A 550 -17.01 -37.12 13.21
CA GLY A 550 -16.11 -37.66 12.21
C GLY A 550 -15.20 -36.55 11.71
N SER A 551 -15.14 -36.35 10.39
CA SER A 551 -14.31 -35.28 9.86
C SER A 551 -15.09 -33.99 9.68
N LYS A 552 -16.37 -33.96 10.04
CA LYS A 552 -17.19 -32.76 9.90
C LYS A 552 -17.23 -31.96 11.20
N TYR A 553 -17.27 -30.63 11.06
CA TYR A 553 -17.42 -29.72 12.19
C TYR A 553 -18.71 -28.91 12.06
N TYR A 554 -19.41 -28.73 13.16
CA TYR A 554 -20.64 -27.96 13.11
C TYR A 554 -20.63 -26.84 14.13
N LEU A 555 -21.29 -25.76 13.73
CA LEU A 555 -21.63 -24.67 14.61
C LEU A 555 -23.04 -24.87 15.10
N ALA A 556 -23.21 -25.08 16.40
CA ALA A 556 -24.51 -25.29 17.00
C ALA A 556 -24.90 -24.05 17.83
N ILE A 557 -26.09 -23.51 17.58
CA ILE A 557 -26.60 -22.26 18.14
C ILE A 557 -27.90 -22.54 18.88
N MET A 558 -27.93 -22.26 20.19
CA MET A 558 -29.16 -22.44 20.96
C MET A 558 -30.13 -21.29 20.70
N ASP A 559 -31.40 -21.62 20.50
CA ASP A 559 -32.42 -20.58 20.35
C ASP A 559 -32.73 -19.92 21.69
N LYS A 560 -32.95 -18.60 21.64
CA LYS A 560 -33.12 -17.79 22.85
C LYS A 560 -34.04 -18.45 23.87
N LYS A 561 -35.13 -19.08 23.41
CA LYS A 561 -36.11 -19.67 24.33
C LYS A 561 -35.67 -21.02 24.90
N TYR A 562 -34.49 -21.53 24.53
CA TYR A 562 -33.92 -22.80 24.99
C TYR A 562 -32.40 -22.71 25.17
N ALA A 563 -31.96 -21.67 25.90
CA ALA A 563 -30.52 -21.48 26.09
C ALA A 563 -29.83 -22.72 26.66
N LYS A 564 -30.38 -23.28 27.72
CA LYS A 564 -29.70 -24.38 28.37
C LYS A 564 -29.96 -25.71 27.70
N CYS A 565 -30.48 -25.73 26.46
CA CYS A 565 -30.98 -26.99 25.91
C CYS A 565 -29.86 -27.98 25.63
N LEU A 566 -28.63 -27.50 25.51
CA LEU A 566 -27.52 -28.41 25.27
C LEU A 566 -26.89 -28.88 26.56
N GLN A 567 -27.27 -28.27 27.69
CA GLN A 567 -26.59 -28.58 28.94
C GLN A 567 -27.14 -29.83 29.60
N LYS A 568 -28.33 -30.25 29.18
CA LYS A 568 -28.94 -31.46 29.72
C LYS A 568 -28.42 -32.73 29.06
N ILE A 569 -27.88 -32.65 27.84
CA ILE A 569 -27.64 -33.83 27.02
C ILE A 569 -26.47 -34.65 27.55
N ASP A 570 -26.68 -35.95 27.73
CA ASP A 570 -25.65 -36.86 28.23
C ASP A 570 -25.14 -37.80 27.14
N LYS A 571 -23.96 -38.37 27.39
CA LYS A 571 -23.34 -39.29 26.44
C LYS A 571 -24.18 -40.53 26.23
N ASP A 572 -24.28 -40.95 24.97
CA ASP A 572 -25.14 -42.06 24.57
C ASP A 572 -24.24 -43.26 24.29
N ASP A 573 -24.25 -44.24 25.19
CA ASP A 573 -23.36 -45.39 25.04
C ASP A 573 -23.60 -46.11 23.71
N VAL A 574 -24.86 -46.43 23.40
CA VAL A 574 -25.14 -47.39 22.34
C VAL A 574 -25.11 -46.76 20.96
N ASN A 575 -25.69 -45.58 20.80
CA ASN A 575 -25.91 -44.99 19.49
C ASN A 575 -24.73 -44.08 19.13
N GLY A 576 -24.85 -43.36 18.01
CA GLY A 576 -23.83 -42.38 17.66
C GLY A 576 -23.77 -41.24 18.65
N ASN A 577 -22.64 -40.55 18.67
CA ASN A 577 -22.43 -39.40 19.54
C ASN A 577 -21.80 -38.25 18.76
N TYR A 578 -22.21 -37.02 19.07
CA TYR A 578 -21.42 -35.86 18.69
C TYR A 578 -20.27 -35.65 19.67
N GLU A 579 -19.24 -34.97 19.20
CA GLU A 579 -18.17 -34.47 20.05
C GLU A 579 -18.49 -33.00 20.31
N LYS A 580 -18.71 -32.64 21.56
CA LYS A 580 -18.97 -31.26 21.92
C LYS A 580 -17.66 -30.65 22.42
N ILE A 581 -17.37 -29.42 21.98
CA ILE A 581 -16.12 -28.81 22.39
C ILE A 581 -16.21 -28.46 23.87
N ASN A 582 -15.10 -28.58 24.58
CA ASN A 582 -15.01 -28.19 25.98
C ASN A 582 -13.81 -27.26 26.11
N TYR A 583 -14.08 -25.97 26.09
CA TYR A 583 -13.08 -24.94 25.89
C TYR A 583 -13.02 -24.10 27.15
N LYS A 584 -11.80 -23.89 27.67
CA LYS A 584 -11.59 -23.06 28.85
C LYS A 584 -10.41 -22.12 28.59
N LEU A 585 -10.69 -20.82 28.66
CA LEU A 585 -9.70 -19.76 28.48
C LEU A 585 -9.68 -18.88 29.72
N LEU A 586 -8.49 -18.45 30.11
CA LEU A 586 -8.34 -17.35 31.06
C LEU A 586 -7.80 -16.18 30.28
N PRO A 587 -8.62 -15.24 29.92
CA PRO A 587 -8.17 -14.20 28.99
C PRO A 587 -7.46 -13.05 29.68
N GLY A 588 -6.14 -12.99 29.50
CA GLY A 588 -5.34 -11.87 29.92
C GLY A 588 -5.17 -11.78 31.41
N PRO A 589 -4.35 -12.66 31.96
CA PRO A 589 -4.23 -12.69 33.43
C PRO A 589 -3.98 -11.32 34.03
N ASN A 590 -3.29 -10.42 33.31
CA ASN A 590 -3.02 -9.11 33.89
C ASN A 590 -4.31 -8.33 34.08
N LYS A 591 -5.36 -8.72 33.37
CA LYS A 591 -6.63 -8.01 33.43
C LYS A 591 -7.56 -8.80 34.31
N MET A 592 -7.40 -10.11 34.29
CA MET A 592 -8.38 -10.97 34.91
C MET A 592 -8.02 -11.16 36.37
N LEU A 593 -6.77 -11.56 36.63
CA LEU A 593 -6.37 -11.85 37.99
C LEU A 593 -6.74 -10.75 38.97
N PRO A 594 -6.50 -9.45 38.68
CA PRO A 594 -6.95 -8.42 39.62
C PRO A 594 -8.46 -8.32 39.71
N LYS A 595 -9.18 -8.25 38.57
CA LYS A 595 -10.62 -7.97 38.65
C LYS A 595 -11.32 -8.99 39.55
N VAL A 596 -11.07 -10.28 39.30
CA VAL A 596 -11.63 -11.31 40.16
C VAL A 596 -11.19 -11.10 41.59
N PHE A 597 -9.90 -10.93 41.83
CA PHE A 597 -9.48 -11.03 43.22
C PHE A 597 -9.56 -9.72 43.99
N PHE A 598 -9.84 -8.60 43.34
CA PHE A 598 -10.14 -7.35 44.06
C PHE A 598 -11.59 -6.95 43.91
N SER A 599 -12.45 -7.88 43.48
CA SER A 599 -13.85 -7.58 43.29
C SER A 599 -14.56 -7.50 44.62
N LYS A 600 -15.62 -6.71 44.66
CA LYS A 600 -16.50 -6.72 45.82
C LYS A 600 -16.81 -8.16 46.20
N LYS A 601 -17.07 -9.02 45.23
CA LYS A 601 -17.49 -10.38 45.58
C LYS A 601 -16.38 -11.12 46.35
N TRP A 602 -15.18 -11.21 45.76
CA TRP A 602 -14.06 -11.96 46.33
C TRP A 602 -13.32 -11.22 47.45
N MET A 603 -13.15 -9.91 47.32
CA MET A 603 -12.41 -9.20 48.36
C MET A 603 -13.05 -9.43 49.73
N ALA A 604 -14.38 -9.42 49.78
CA ALA A 604 -15.07 -9.77 51.02
C ALA A 604 -14.77 -11.21 51.46
N TYR A 605 -14.69 -12.18 50.53
CA TYR A 605 -14.35 -13.55 50.93
C TYR A 605 -12.92 -13.66 51.42
N TYR A 606 -12.02 -12.95 50.79
CA TYR A 606 -10.61 -13.14 51.04
C TYR A 606 -10.08 -11.82 51.58
N ASN A 607 -9.91 -11.74 52.90
CA ASN A 607 -9.25 -10.59 53.49
C ASN A 607 -7.89 -10.44 52.83
N PRO A 608 -7.66 -9.41 52.04
CA PRO A 608 -6.34 -9.23 51.45
C PRO A 608 -5.59 -8.20 52.28
N SER A 609 -4.42 -8.57 52.79
CA SER A 609 -3.74 -7.74 53.79
C SER A 609 -3.59 -6.30 53.30
N GLU A 610 -3.44 -5.38 54.25
CA GLU A 610 -3.21 -3.98 53.87
C GLU A 610 -1.94 -3.82 53.05
N ASP A 611 -0.91 -4.63 53.33
CA ASP A 611 0.21 -4.72 52.39
C ASP A 611 -0.27 -4.91 50.97
N ILE A 612 -0.98 -6.00 50.73
CA ILE A 612 -1.31 -6.39 49.39
C ILE A 612 -2.16 -5.31 48.71
N GLN A 613 -3.17 -4.79 49.40
CA GLN A 613 -3.90 -3.71 48.73
C GLN A 613 -3.08 -2.44 48.60
N LYS A 614 -2.19 -2.17 49.56
CA LYS A 614 -1.25 -1.07 49.36
C LYS A 614 -0.45 -1.28 48.08
N ILE A 615 0.29 -2.38 48.02
CA ILE A 615 1.12 -2.77 46.87
C ILE A 615 0.36 -2.56 45.57
N TYR A 616 -0.92 -2.97 45.54
CA TYR A 616 -1.73 -2.81 44.33
C TYR A 616 -2.11 -1.35 44.12
N LYS A 617 -2.79 -0.74 45.09
CA LYS A 617 -3.17 0.67 44.97
C LYS A 617 -1.95 1.51 44.61
N ASN A 618 -0.85 1.34 45.35
CA ASN A 618 0.39 2.07 45.13
C ASN A 618 1.06 1.73 43.79
N GLY A 619 0.98 0.48 43.35
CA GLY A 619 1.66 0.09 42.12
C GLY A 619 3.11 -0.30 42.28
N THR A 620 3.49 -0.79 43.46
CA THR A 620 4.88 -1.15 43.64
C THR A 620 5.25 -2.45 42.90
N PHE A 621 4.27 -3.27 42.49
CA PHE A 621 4.59 -4.55 41.83
C PHE A 621 4.96 -4.35 40.36
N LYS A 622 4.48 -3.26 39.77
CA LYS A 622 4.71 -2.92 38.37
C LYS A 622 6.12 -2.35 38.21
N LYS A 623 6.87 -2.88 37.23
CA LYS A 623 8.24 -2.39 37.03
C LYS A 623 8.25 -0.88 36.84
N GLY A 624 9.42 -0.28 37.08
CA GLY A 624 9.63 1.14 37.10
C GLY A 624 10.28 1.56 38.39
N ASP A 625 10.29 2.86 38.64
CA ASP A 625 10.96 3.36 39.84
C ASP A 625 10.22 2.90 41.09
N MET A 626 8.89 2.85 41.05
CA MET A 626 8.14 2.38 42.20
C MET A 626 8.37 0.91 42.52
N PHE A 627 9.20 0.19 41.77
CA PHE A 627 9.18 -1.26 41.85
C PHE A 627 10.01 -1.77 43.04
N ASN A 628 9.40 -2.63 43.88
CA ASN A 628 10.09 -3.46 44.86
C ASN A 628 9.91 -4.91 44.46
N LEU A 629 11.02 -5.58 44.16
CA LEU A 629 10.93 -7.00 43.86
C LEU A 629 10.21 -7.78 44.94
N ASN A 630 10.29 -7.34 46.21
CA ASN A 630 9.64 -8.10 47.27
C ASN A 630 8.13 -7.85 47.28
N ASP A 631 7.71 -6.57 47.21
CA ASP A 631 6.29 -6.26 47.10
C ASP A 631 5.64 -7.03 45.96
N CYS A 632 6.28 -7.04 44.80
CA CYS A 632 5.72 -7.77 43.66
C CYS A 632 5.71 -9.26 43.95
N HIS A 633 6.78 -9.77 44.54
CA HIS A 633 6.80 -11.17 44.95
C HIS A 633 5.65 -11.48 45.91
N LYS A 634 5.32 -10.57 46.82
CA LYS A 634 4.21 -10.82 47.74
C LYS A 634 2.87 -10.83 47.00
N LEU A 635 2.67 -9.91 46.05
CA LEU A 635 1.47 -9.93 45.24
C LEU A 635 1.30 -11.26 44.51
N ILE A 636 2.40 -11.83 44.01
CA ILE A 636 2.30 -13.07 43.26
C ILE A 636 1.78 -14.19 44.15
N ASP A 637 2.31 -14.32 45.37
CA ASP A 637 1.81 -15.39 46.23
C ASP A 637 0.39 -15.14 46.68
N PHE A 638 -0.02 -13.86 46.73
CA PHE A 638 -1.43 -13.56 46.89
C PHE A 638 -2.26 -14.15 45.76
N PHE A 639 -1.86 -13.86 44.52
CA PHE A 639 -2.54 -14.44 43.36
C PHE A 639 -2.44 -15.98 43.36
N LYS A 640 -1.32 -16.53 43.86
CA LYS A 640 -1.15 -17.99 43.80
C LYS A 640 -2.05 -18.70 44.79
N ASP A 641 -2.28 -18.12 45.98
CA ASP A 641 -3.19 -18.72 46.95
C ASP A 641 -4.63 -18.54 46.50
N SER A 642 -5.01 -17.32 46.09
CA SER A 642 -6.37 -17.08 45.63
C SER A 642 -6.76 -18.03 44.50
N ILE A 643 -5.91 -18.16 43.48
CA ILE A 643 -6.20 -19.12 42.42
C ILE A 643 -6.53 -20.48 43.00
N SER A 644 -5.79 -20.91 44.02
CA SER A 644 -6.09 -22.22 44.62
C SER A 644 -7.37 -22.17 45.45
N ARG A 645 -7.72 -21.00 46.00
CA ARG A 645 -9.00 -20.84 46.69
C ARG A 645 -10.15 -20.50 45.74
N TYR A 646 -9.88 -20.39 44.44
CA TYR A 646 -10.81 -20.13 43.34
C TYR A 646 -10.89 -21.32 42.40
N PRO A 647 -11.78 -22.28 42.65
CA PRO A 647 -11.74 -23.55 41.93
C PRO A 647 -12.29 -23.48 40.53
N LYS A 648 -12.84 -22.34 40.13
CA LYS A 648 -13.26 -22.21 38.74
C LYS A 648 -12.05 -22.04 37.82
N TRP A 649 -10.88 -21.77 38.40
CA TRP A 649 -9.63 -21.73 37.67
C TRP A 649 -8.72 -22.87 38.09
N SER A 650 -8.55 -23.03 39.39
CA SER A 650 -7.63 -24.04 39.90
C SER A 650 -8.00 -25.45 39.44
N ASN A 651 -9.28 -25.74 39.22
CA ASN A 651 -9.69 -27.06 38.76
C ASN A 651 -9.87 -27.12 37.26
N ALA A 652 -9.80 -25.97 36.59
CA ALA A 652 -9.88 -25.94 35.13
C ALA A 652 -8.51 -26.17 34.52
N TYR A 653 -7.50 -25.52 35.08
CA TYR A 653 -6.12 -25.57 34.63
C TYR A 653 -5.28 -26.24 35.71
N ASP A 654 -4.74 -27.41 35.42
CA ASP A 654 -3.75 -28.03 36.29
C ASP A 654 -2.58 -27.04 36.41
N PHE A 655 -2.75 -26.02 37.26
CA PHE A 655 -1.73 -24.98 37.37
C PHE A 655 -0.47 -25.51 37.99
N ASN A 656 0.69 -25.13 37.38
CA ASN A 656 2.03 -25.56 37.81
C ASN A 656 3.01 -24.40 37.71
N PHE A 657 3.03 -23.54 38.72
CA PHE A 657 3.77 -22.30 38.61
C PHE A 657 5.25 -22.50 38.93
N SER A 658 6.07 -21.57 38.44
CA SER A 658 7.47 -21.52 38.85
C SER A 658 7.54 -21.03 40.29
N GLU A 659 8.55 -21.50 41.01
CA GLU A 659 8.72 -21.06 42.38
C GLU A 659 8.84 -19.54 42.41
N THR A 660 8.15 -18.91 43.36
CA THR A 660 7.91 -17.47 43.26
C THR A 660 9.21 -16.67 43.33
N GLU A 661 10.18 -17.14 44.13
CA GLU A 661 11.47 -16.44 44.18
C GLU A 661 12.05 -16.17 42.79
N LYS A 662 11.74 -17.01 41.80
CA LYS A 662 12.36 -16.95 40.49
C LYS A 662 11.76 -15.91 39.54
N TYR A 663 10.71 -15.17 39.93
CA TYR A 663 10.11 -14.20 39.00
C TYR A 663 10.90 -12.90 39.00
N LYS A 664 11.22 -12.40 37.81
CA LYS A 664 11.91 -11.12 37.70
C LYS A 664 10.94 -9.95 37.83
N ASP A 665 9.68 -10.14 37.42
CA ASP A 665 8.66 -9.10 37.41
C ASP A 665 7.30 -9.77 37.42
N ILE A 666 6.24 -8.96 37.51
CA ILE A 666 4.89 -9.55 37.57
C ILE A 666 4.59 -10.26 36.27
N ALA A 667 4.98 -9.65 35.14
CA ALA A 667 4.72 -10.21 33.82
C ALA A 667 5.30 -11.61 33.66
N GLY A 668 6.30 -11.96 34.46
CA GLY A 668 6.82 -13.30 34.43
C GLY A 668 5.82 -14.31 34.93
N PHE A 669 5.19 -14.01 36.08
CA PHE A 669 4.12 -14.86 36.61
C PHE A 669 2.92 -14.86 35.67
N TYR A 670 2.43 -13.67 35.32
CA TYR A 670 1.27 -13.59 34.46
C TYR A 670 1.45 -14.47 33.23
N ARG A 671 2.62 -14.38 32.60
CA ARG A 671 2.86 -15.13 31.37
C ARG A 671 2.70 -16.62 31.60
N GLU A 672 2.90 -17.10 32.83
CA GLU A 672 2.70 -18.52 33.02
C GLU A 672 1.21 -18.80 33.16
N VAL A 673 0.50 -18.01 33.96
CA VAL A 673 -0.96 -18.07 33.97
C VAL A 673 -1.48 -18.06 32.55
N GLU A 674 -1.05 -17.09 31.74
CA GLU A 674 -1.62 -16.96 30.41
C GLU A 674 -1.44 -18.25 29.59
N GLU A 675 -0.26 -18.86 29.66
CA GLU A 675 0.00 -20.03 28.83
C GLU A 675 -0.70 -21.25 29.41
N GLN A 676 -0.76 -21.36 30.74
CA GLN A 676 -1.47 -22.47 31.37
C GLN A 676 -2.99 -22.34 31.25
N GLY A 677 -3.51 -21.12 31.09
CA GLY A 677 -4.95 -20.91 31.21
C GLY A 677 -5.65 -20.99 29.88
N TYR A 678 -5.50 -22.14 29.22
CA TYR A 678 -6.14 -22.47 27.95
C TYR A 678 -6.19 -23.98 27.86
N LYS A 679 -7.36 -24.53 27.57
CA LYS A 679 -7.51 -25.96 27.42
C LYS A 679 -8.64 -26.21 26.43
N VAL A 680 -8.47 -27.16 25.52
CA VAL A 680 -9.51 -27.49 24.55
C VAL A 680 -9.60 -29.00 24.47
N SER A 681 -10.78 -29.53 24.73
CA SER A 681 -11.03 -30.97 24.71
C SER A 681 -12.40 -31.20 24.10
N PHE A 682 -12.82 -32.45 24.08
CA PHE A 682 -14.16 -32.77 23.59
C PHE A 682 -14.92 -33.65 24.57
N GLU A 683 -16.24 -33.47 24.61
CA GLU A 683 -17.14 -34.30 25.40
C GLU A 683 -18.15 -34.95 24.49
N SER A 684 -18.52 -36.20 24.80
CA SER A 684 -19.53 -36.89 24.00
C SER A 684 -20.90 -36.33 24.29
N ALA A 685 -21.70 -36.15 23.24
CA ALA A 685 -23.07 -35.67 23.39
C ALA A 685 -23.94 -36.41 22.39
N SER A 686 -25.03 -37.02 22.88
CA SER A 686 -25.89 -37.93 22.11
C SER A 686 -26.33 -37.37 20.77
N LYS A 687 -26.04 -38.10 19.70
CA LYS A 687 -26.37 -37.60 18.38
C LYS A 687 -27.87 -37.62 18.15
N LYS A 688 -28.54 -38.66 18.65
CA LYS A 688 -30.00 -38.69 18.61
C LYS A 688 -30.59 -37.50 19.36
N GLU A 689 -30.16 -37.29 20.62
CA GLU A 689 -30.73 -36.22 21.44
C GLU A 689 -30.47 -34.84 20.83
N VAL A 690 -29.27 -34.63 20.29
CA VAL A 690 -28.93 -33.33 19.71
C VAL A 690 -29.68 -33.11 18.39
N ASP A 691 -29.81 -34.15 17.58
CA ASP A 691 -30.58 -33.99 16.35
C ASP A 691 -32.03 -33.62 16.64
N LYS A 692 -32.67 -34.25 17.64
CA LYS A 692 -34.04 -33.87 18.01
C LYS A 692 -34.14 -32.39 18.32
N LEU A 693 -33.18 -31.86 19.11
CA LEU A 693 -33.15 -30.44 19.38
C LEU A 693 -33.24 -29.62 18.10
N VAL A 694 -32.49 -30.03 17.06
CA VAL A 694 -32.46 -29.25 15.83
C VAL A 694 -33.82 -29.30 15.14
N GLU A 695 -34.37 -30.51 14.98
CA GLU A 695 -35.72 -30.64 14.44
C GLU A 695 -36.70 -29.79 15.20
N GLU A 696 -36.72 -29.91 16.53
CA GLU A 696 -37.72 -29.21 17.31
C GLU A 696 -37.62 -27.70 17.19
N GLY A 697 -36.52 -27.19 16.63
CA GLY A 697 -36.33 -25.76 16.52
C GLY A 697 -35.66 -25.15 17.73
N LYS A 698 -35.23 -25.98 18.68
CA LYS A 698 -34.57 -25.49 19.88
C LYS A 698 -33.08 -25.24 19.66
N LEU A 699 -32.45 -25.89 18.69
CA LEU A 699 -31.05 -25.70 18.34
C LEU A 699 -30.94 -25.50 16.83
N TYR A 700 -30.03 -24.64 16.37
CA TYR A 700 -29.76 -24.51 14.94
C TYR A 700 -28.36 -25.02 14.67
N MET A 701 -28.16 -25.63 13.51
CA MET A 701 -26.91 -26.34 13.28
C MET A 701 -26.40 -26.04 11.88
N PHE A 702 -25.14 -25.63 11.80
CA PHE A 702 -24.52 -25.36 10.52
C PHE A 702 -23.26 -26.19 10.40
N GLN A 703 -23.04 -26.80 9.25
CA GLN A 703 -21.74 -27.38 9.05
C GLN A 703 -20.76 -26.28 8.70
N ILE A 704 -19.69 -26.18 9.48
CA ILE A 704 -18.58 -25.32 9.12
C ILE A 704 -17.90 -25.97 7.92
N TYR A 705 -17.94 -25.30 6.77
CA TYR A 705 -17.64 -25.97 5.52
C TYR A 705 -16.87 -25.06 4.59
N ASN A 706 -15.87 -25.65 3.93
CA ASN A 706 -15.32 -25.19 2.64
C ASN A 706 -15.05 -26.41 1.79
N LYS A 707 -14.61 -26.20 0.55
CA LYS A 707 -14.53 -27.31 -0.40
C LYS A 707 -13.66 -28.46 0.06
N ASP A 708 -12.69 -28.21 0.94
CA ASP A 708 -11.85 -29.34 1.35
C ASP A 708 -12.61 -30.33 2.22
N PHE A 709 -13.82 -30.00 2.69
CA PHE A 709 -14.58 -30.95 3.50
C PHE A 709 -15.56 -31.79 2.68
N SER A 710 -15.66 -31.51 1.39
CA SER A 710 -16.50 -32.28 0.49
C SER A 710 -16.13 -33.74 0.51
N ASP A 711 -17.14 -34.60 0.41
CA ASP A 711 -16.90 -36.02 0.21
C ASP A 711 -16.09 -36.27 -1.07
N LYS A 712 -16.06 -35.31 -1.99
CA LYS A 712 -15.37 -35.50 -3.25
C LYS A 712 -13.98 -34.88 -3.27
N SER A 713 -13.51 -34.33 -2.15
CA SER A 713 -12.19 -33.70 -2.16
C SER A 713 -11.13 -34.78 -1.95
N HIS A 714 -9.96 -34.54 -2.51
CA HIS A 714 -8.80 -35.42 -2.52
C HIS A 714 -7.60 -34.52 -2.78
N GLY A 715 -6.51 -34.80 -2.14
CA GLY A 715 -5.38 -33.93 -2.33
C GLY A 715 -5.52 -32.61 -1.57
N THR A 716 -4.54 -31.74 -1.81
CA THR A 716 -4.02 -30.91 -0.73
C THR A 716 -5.00 -29.83 -0.27
N PRO A 717 -5.27 -29.76 1.03
CA PRO A 717 -6.22 -28.78 1.57
C PRO A 717 -5.65 -27.38 1.53
N ASN A 718 -6.56 -26.40 1.57
CA ASN A 718 -6.17 -25.02 1.89
C ASN A 718 -5.38 -24.97 3.20
N LEU A 719 -4.41 -24.02 3.28
CA LEU A 719 -3.69 -23.85 4.53
C LEU A 719 -4.65 -23.57 5.66
N HIS A 720 -5.73 -22.83 5.38
CA HIS A 720 -6.64 -22.42 6.45
C HIS A 720 -7.46 -23.58 6.95
N THR A 721 -7.80 -24.55 6.09
CA THR A 721 -8.37 -25.79 6.58
C THR A 721 -7.48 -26.40 7.64
N MET A 722 -6.16 -26.44 7.37
CA MET A 722 -5.20 -27.11 8.24
C MET A 722 -5.12 -26.40 9.58
N TYR A 723 -4.97 -25.07 9.56
CA TYR A 723 -5.06 -24.30 10.77
C TYR A 723 -6.36 -24.63 11.52
N PHE A 724 -7.50 -24.52 10.83
CA PHE A 724 -8.77 -24.78 11.51
C PHE A 724 -8.80 -26.18 12.12
N LYS A 725 -8.34 -27.19 11.40
CA LYS A 725 -8.35 -28.53 11.99
C LYS A 725 -7.37 -28.63 13.16
N LEU A 726 -6.19 -28.03 13.00
CA LEU A 726 -5.17 -28.14 14.03
C LEU A 726 -5.64 -27.55 15.34
N LEU A 727 -6.61 -26.64 15.33
CA LEU A 727 -7.12 -26.10 16.58
C LEU A 727 -7.48 -27.22 17.55
N PHE A 728 -8.08 -28.29 17.05
CA PHE A 728 -8.61 -29.35 17.91
C PHE A 728 -7.76 -30.61 17.88
N ASP A 729 -6.51 -30.48 17.47
CA ASP A 729 -5.56 -31.59 17.36
C ASP A 729 -4.68 -31.66 18.61
N GLU A 730 -4.39 -32.87 19.06
CA GLU A 730 -3.68 -32.94 20.33
C GLU A 730 -2.20 -32.82 20.18
N ASN A 731 -1.71 -32.59 18.97
CA ASN A 731 -0.31 -32.24 18.80
C ASN A 731 -0.08 -30.74 18.83
N ASN A 732 -1.17 -29.97 18.90
CA ASN A 732 -1.17 -28.51 18.94
C ASN A 732 -1.26 -28.05 20.39
N HIS A 733 -0.16 -27.58 20.94
CA HIS A 733 -0.11 -27.28 22.36
C HIS A 733 -0.14 -25.78 22.61
N GLY A 734 -1.13 -25.10 22.06
CA GLY A 734 -1.13 -23.67 22.20
C GLY A 734 -0.49 -22.94 21.06
N GLN A 735 0.28 -23.64 20.22
CA GLN A 735 0.83 -23.05 19.00
C GLN A 735 -0.23 -22.27 18.26
N ILE A 736 -1.42 -22.83 18.11
CA ILE A 736 -2.53 -22.14 17.49
C ILE A 736 -3.73 -22.23 18.40
N ARG A 737 -4.20 -21.09 18.88
CA ARG A 737 -5.36 -21.05 19.74
C ARG A 737 -6.58 -20.63 18.95
N LEU A 738 -7.69 -21.27 19.24
CA LEU A 738 -8.98 -20.79 18.80
C LEU A 738 -9.33 -19.60 19.67
N SER A 739 -9.46 -18.44 19.06
CA SER A 739 -9.88 -17.27 19.81
C SER A 739 -11.39 -17.17 19.76
N GLY A 740 -11.94 -16.20 20.49
CA GLY A 740 -13.35 -15.91 20.47
C GLY A 740 -13.66 -14.71 19.60
N GLY A 741 -14.89 -14.25 19.71
CA GLY A 741 -15.30 -13.10 18.92
C GLY A 741 -15.46 -13.46 17.48
N ALA A 742 -15.82 -14.70 17.19
CA ALA A 742 -16.19 -15.07 15.85
C ALA A 742 -17.50 -14.41 15.47
N GLU A 743 -17.70 -14.22 14.18
CA GLU A 743 -18.91 -13.60 13.67
C GLU A 743 -19.56 -14.49 12.63
N LEU A 744 -20.89 -14.44 12.57
CA LEU A 744 -21.65 -15.20 11.59
C LEU A 744 -22.44 -14.21 10.75
N PHE A 745 -22.40 -14.37 9.43
CA PHE A 745 -23.00 -13.41 8.53
C PHE A 745 -23.83 -14.12 7.48
N MET A 746 -24.88 -13.46 7.01
CA MET A 746 -25.64 -13.90 5.86
C MET A 746 -25.34 -12.99 4.69
N ARG A 747 -25.02 -13.59 3.56
CA ARG A 747 -24.78 -12.84 2.33
C ARG A 747 -25.90 -13.23 1.39
N ARG A 748 -26.81 -12.29 1.11
CA ARG A 748 -27.91 -12.67 0.24
C ARG A 748 -27.39 -12.89 -1.17
N ALA A 749 -28.00 -13.87 -1.84
CA ALA A 749 -27.66 -14.15 -3.22
C ALA A 749 -27.77 -12.89 -4.05
N SER A 750 -26.90 -12.79 -5.05
CA SER A 750 -26.87 -11.64 -5.92
C SER A 750 -26.93 -12.02 -7.38
N LEU A 751 -27.26 -13.27 -7.70
CA LEU A 751 -27.38 -13.80 -9.05
C LEU A 751 -28.50 -14.83 -9.08
N LYS A 752 -29.17 -14.93 -10.22
CA LYS A 752 -30.27 -15.86 -10.42
C LYS A 752 -29.79 -17.05 -11.23
N LYS A 753 -29.97 -18.26 -10.69
CA LYS A 753 -29.62 -19.53 -11.34
C LYS A 753 -29.90 -19.60 -12.84
N GLU A 754 -31.05 -19.08 -13.26
CA GLU A 754 -31.40 -19.10 -14.67
C GLU A 754 -30.44 -18.24 -15.47
N GLU A 755 -29.94 -17.17 -14.90
CA GLU A 755 -29.06 -16.25 -15.60
C GLU A 755 -27.58 -16.60 -15.43
N LEU A 756 -27.28 -17.73 -14.83
CA LEU A 756 -25.92 -18.21 -14.72
C LEU A 756 -25.46 -18.81 -16.04
N VAL A 757 -24.17 -18.65 -16.35
CA VAL A 757 -23.58 -19.36 -17.48
C VAL A 757 -23.41 -20.84 -17.15
N VAL A 758 -23.93 -21.71 -18.01
CA VAL A 758 -23.94 -23.14 -17.71
C VAL A 758 -23.09 -23.87 -18.72
N HIS A 759 -22.24 -24.77 -18.26
CA HIS A 759 -21.66 -25.70 -19.22
C HIS A 759 -22.39 -27.01 -19.17
N PRO A 760 -23.29 -27.25 -20.13
CA PRO A 760 -24.27 -28.32 -19.99
C PRO A 760 -23.57 -29.65 -19.97
N ALA A 761 -24.01 -30.51 -19.07
CA ALA A 761 -23.45 -31.84 -18.91
C ALA A 761 -23.36 -32.57 -20.23
N ASN A 762 -22.34 -33.42 -20.33
CA ASN A 762 -22.22 -34.46 -21.33
C ASN A 762 -21.89 -33.90 -22.69
N SER A 763 -21.73 -32.60 -22.81
CA SER A 763 -21.06 -31.89 -23.88
C SER A 763 -19.67 -31.47 -23.44
N PRO A 764 -18.66 -31.64 -24.29
CA PRO A 764 -17.28 -31.34 -23.88
C PRO A 764 -17.01 -29.85 -23.79
N ILE A 765 -16.17 -29.48 -22.81
CA ILE A 765 -15.79 -28.09 -22.54
C ILE A 765 -14.35 -27.89 -22.96
N ALA A 766 -14.06 -26.73 -23.50
CA ALA A 766 -12.74 -26.49 -24.10
C ALA A 766 -11.80 -25.96 -23.03
N ASN A 767 -10.69 -26.65 -22.79
CA ASN A 767 -9.75 -26.22 -21.76
C ASN A 767 -8.92 -25.03 -22.25
N LYS A 768 -8.49 -24.20 -21.30
CA LYS A 768 -8.00 -22.86 -21.61
C LYS A 768 -6.46 -22.80 -21.63
N ASN A 769 -5.81 -23.82 -21.09
CA ASN A 769 -4.37 -23.79 -20.82
C ASN A 769 -3.61 -24.42 -21.97
N PRO A 770 -2.86 -23.65 -22.76
CA PRO A 770 -2.19 -24.21 -23.94
C PRO A 770 -1.23 -25.34 -23.62
N ASP A 771 -0.68 -25.34 -22.41
CA ASP A 771 0.31 -26.30 -21.96
C ASP A 771 -0.33 -27.50 -21.26
N ASN A 772 -1.65 -27.54 -21.18
CA ASN A 772 -2.33 -28.75 -20.75
C ASN A 772 -2.44 -29.64 -21.98
N PRO A 773 -1.93 -30.87 -21.96
CA PRO A 773 -2.20 -31.77 -23.09
C PRO A 773 -3.68 -31.92 -23.38
N LYS A 774 -4.47 -32.20 -22.35
CA LYS A 774 -5.90 -32.47 -22.49
C LYS A 774 -6.61 -31.18 -22.88
N LYS A 775 -7.08 -31.12 -24.12
CA LYS A 775 -7.65 -29.90 -24.69
C LYS A 775 -9.14 -29.71 -24.38
N THR A 776 -9.73 -30.62 -23.62
CA THR A 776 -11.18 -30.72 -23.49
C THR A 776 -11.53 -31.49 -22.24
N THR A 777 -12.61 -31.08 -21.57
CA THR A 777 -13.18 -31.93 -20.54
C THR A 777 -14.68 -32.04 -20.74
N THR A 778 -15.19 -33.26 -20.56
CA THR A 778 -16.63 -33.52 -20.62
C THR A 778 -17.06 -34.16 -19.31
N LEU A 779 -18.04 -33.54 -18.64
CA LEU A 779 -18.52 -33.98 -17.33
C LEU A 779 -19.93 -34.54 -17.43
N SER A 780 -20.25 -35.50 -16.56
CA SER A 780 -21.61 -36.02 -16.59
C SER A 780 -22.62 -35.08 -15.96
N TYR A 781 -22.18 -33.96 -15.37
CA TYR A 781 -23.07 -33.01 -14.69
C TYR A 781 -22.89 -31.59 -15.22
N ASP A 782 -23.86 -30.73 -14.89
CA ASP A 782 -23.74 -29.30 -15.20
C ASP A 782 -22.77 -28.59 -14.26
N VAL A 783 -22.05 -27.60 -14.79
CA VAL A 783 -21.27 -26.69 -13.98
C VAL A 783 -21.67 -25.27 -14.34
N TYR A 784 -21.72 -24.40 -13.33
CA TYR A 784 -22.27 -23.06 -13.43
C TYR A 784 -21.22 -22.04 -13.06
N LYS A 785 -21.18 -20.93 -13.79
CA LYS A 785 -20.26 -19.86 -13.40
C LYS A 785 -20.78 -19.20 -12.13
N ASP A 786 -19.86 -18.87 -11.23
CA ASP A 786 -20.20 -18.08 -10.04
C ASP A 786 -21.36 -18.68 -9.26
N LYS A 787 -21.48 -20.02 -9.28
CA LYS A 787 -22.60 -20.71 -8.65
C LYS A 787 -22.83 -20.27 -7.22
N ARG A 788 -21.74 -20.13 -6.44
CA ARG A 788 -21.87 -19.78 -5.02
C ARG A 788 -22.71 -18.54 -4.80
N PHE A 789 -22.81 -17.63 -5.78
CA PHE A 789 -23.57 -16.40 -5.54
C PHE A 789 -25.02 -16.45 -5.99
N SER A 790 -25.47 -17.56 -6.55
CA SER A 790 -26.88 -17.69 -6.91
C SER A 790 -27.74 -18.10 -5.73
N GLU A 791 -27.16 -18.22 -4.54
CA GLU A 791 -27.83 -18.71 -3.36
C GLU A 791 -27.44 -17.89 -2.14
N ASP A 792 -28.37 -17.72 -1.22
CA ASP A 792 -27.99 -17.17 0.07
C ASP A 792 -26.92 -18.07 0.70
N GLN A 793 -25.92 -17.44 1.32
CA GLN A 793 -24.84 -18.16 1.98
C GLN A 793 -24.56 -17.55 3.34
N TYR A 794 -24.59 -18.40 4.37
CA TYR A 794 -23.99 -18.09 5.67
C TYR A 794 -22.47 -18.15 5.59
N GLU A 795 -21.80 -17.14 6.12
CA GLU A 795 -20.36 -17.28 6.25
C GLU A 795 -19.90 -16.99 7.67
N LEU A 796 -18.97 -17.82 8.14
CA LEU A 796 -18.52 -17.83 9.53
C LEU A 796 -17.05 -17.45 9.57
N HIS A 797 -16.72 -16.46 10.38
CA HIS A 797 -15.37 -15.96 10.49
C HIS A 797 -14.84 -16.35 11.87
N ILE A 798 -13.74 -17.08 11.92
CA ILE A 798 -13.20 -17.58 13.17
C ILE A 798 -11.80 -17.00 13.38
N PRO A 799 -11.58 -16.22 14.44
CA PRO A 799 -10.24 -15.70 14.70
C PRO A 799 -9.43 -16.74 15.45
N ILE A 800 -8.17 -16.89 15.03
CA ILE A 800 -7.23 -17.75 15.73
C ILE A 800 -6.09 -16.91 16.28
N ALA A 801 -5.29 -17.54 17.16
CA ALA A 801 -4.16 -16.91 17.81
C ALA A 801 -2.94 -17.81 17.66
N ILE A 802 -2.00 -17.39 16.79
CA ILE A 802 -0.74 -18.10 16.56
C ILE A 802 0.31 -17.58 17.51
N ASN A 803 1.03 -18.51 18.13
CA ASN A 803 2.19 -18.20 18.96
C ASN A 803 1.82 -17.22 20.08
N LYS A 804 0.63 -17.42 20.67
CA LYS A 804 0.13 -16.56 21.75
C LYS A 804 1.14 -16.37 22.88
N CYS A 805 2.02 -17.34 23.11
CA CYS A 805 3.04 -17.26 24.17
C CYS A 805 4.42 -17.53 23.59
N PRO A 806 5.04 -16.53 22.98
CA PRO A 806 6.33 -16.77 22.32
C PRO A 806 7.43 -16.92 23.33
N LYS A 807 8.38 -17.80 23.00
CA LYS A 807 9.58 -18.05 23.81
C LYS A 807 10.85 -17.51 23.19
N ASN A 808 10.93 -17.41 21.87
CA ASN A 808 12.14 -17.00 21.18
C ASN A 808 12.08 -15.51 20.94
N ILE A 809 12.31 -14.78 22.02
CA ILE A 809 12.21 -13.32 22.02
C ILE A 809 13.56 -12.74 21.63
N PHE A 810 13.59 -11.97 20.54
CA PHE A 810 14.77 -11.22 20.16
C PHE A 810 14.36 -10.34 19.02
N LYS A 811 15.14 -9.30 18.77
CA LYS A 811 14.80 -8.46 17.64
C LYS A 811 15.17 -9.21 16.38
N ILE A 812 14.20 -9.41 15.49
CA ILE A 812 14.40 -10.32 14.38
C ILE A 812 15.56 -9.84 13.51
N ASN A 813 15.60 -8.53 13.17
CA ASN A 813 16.66 -8.06 12.27
C ASN A 813 18.03 -8.25 12.86
N THR A 814 18.23 -7.78 14.11
CA THR A 814 19.50 -7.98 14.79
C THR A 814 19.91 -9.45 14.78
N GLU A 815 18.95 -10.35 15.04
CA GLU A 815 19.25 -11.78 14.96
C GLU A 815 19.58 -12.22 13.54
N VAL A 816 18.90 -11.67 12.52
CA VAL A 816 19.27 -12.01 11.14
C VAL A 816 20.63 -11.46 10.80
N ARG A 817 21.04 -10.35 11.42
CA ARG A 817 22.36 -9.84 11.14
C ARG A 817 23.43 -10.67 11.81
N VAL A 818 23.19 -11.10 13.05
CA VAL A 818 24.18 -11.95 13.72
C VAL A 818 24.38 -13.24 12.94
N LEU A 819 23.30 -13.97 12.70
CA LEU A 819 23.41 -15.23 11.96
C LEU A 819 24.10 -15.03 10.63
N LEU A 820 23.82 -13.93 9.95
CA LEU A 820 24.43 -13.69 8.64
C LEU A 820 25.93 -13.51 8.78
N LYS A 821 26.36 -12.65 9.70
CA LYS A 821 27.77 -12.41 9.92
C LYS A 821 28.51 -13.72 10.13
N HIS A 822 28.08 -14.50 11.13
CA HIS A 822 28.73 -15.75 11.48
C HIS A 822 28.34 -16.91 10.57
N ASP A 823 27.50 -16.70 9.56
CA ASP A 823 27.27 -17.79 8.61
C ASP A 823 28.39 -17.74 7.57
N ASP A 824 28.87 -18.93 7.23
CA ASP A 824 30.08 -19.05 6.42
C ASP A 824 29.77 -18.92 4.93
N ASN A 825 28.70 -19.58 4.47
CA ASN A 825 28.27 -19.57 3.07
C ASN A 825 26.82 -19.08 2.97
N PRO A 826 26.57 -17.79 3.19
CA PRO A 826 25.19 -17.29 3.20
C PRO A 826 24.63 -17.20 1.79
N TYR A 827 23.45 -17.77 1.58
CA TYR A 827 22.82 -17.75 0.28
C TYR A 827 21.89 -16.54 0.15
N VAL A 828 21.72 -16.03 -1.07
CA VAL A 828 20.86 -14.88 -1.33
C VAL A 828 19.98 -15.13 -2.54
N ILE A 829 18.67 -15.05 -2.36
CA ILE A 829 17.71 -15.06 -3.45
C ILE A 829 17.54 -13.63 -3.94
N GLY A 830 17.96 -13.34 -5.15
CA GLY A 830 17.75 -12.05 -5.75
C GLY A 830 16.51 -12.16 -6.65
N ILE A 831 15.61 -11.19 -6.52
CA ILE A 831 14.40 -11.09 -7.32
C ILE A 831 14.44 -9.79 -8.10
N ASP A 832 14.21 -9.86 -9.42
CA ASP A 832 14.10 -8.63 -10.20
C ASP A 832 12.98 -8.73 -11.24
N ARG A 833 12.40 -7.57 -11.54
CA ARG A 833 11.33 -7.43 -12.51
C ARG A 833 11.91 -7.18 -13.89
N GLY A 834 11.49 -7.96 -14.89
CA GLY A 834 11.99 -7.84 -16.23
C GLY A 834 11.00 -7.28 -17.25
N GLU A 835 11.54 -6.97 -18.43
CA GLU A 835 10.76 -6.55 -19.59
C GLU A 835 10.26 -7.76 -20.36
N ARG A 836 11.13 -8.74 -20.54
CA ARG A 836 10.76 -10.02 -21.11
C ARG A 836 10.27 -10.99 -20.05
N ASN A 837 10.61 -10.76 -18.80
CA ASN A 837 10.31 -11.72 -17.75
C ASN A 837 9.56 -11.01 -16.66
N LEU A 838 8.35 -11.47 -16.36
CA LEU A 838 7.59 -10.93 -15.24
C LEU A 838 8.47 -10.76 -14.02
N LEU A 839 9.19 -11.82 -13.64
CA LEU A 839 10.12 -11.83 -12.52
C LEU A 839 11.24 -12.80 -12.87
N TYR A 840 12.47 -12.45 -12.50
CA TYR A 840 13.57 -13.35 -12.77
C TYR A 840 14.25 -13.65 -11.45
N ILE A 841 14.63 -14.90 -11.25
CA ILE A 841 15.25 -15.35 -10.01
C ILE A 841 16.71 -15.65 -10.28
N VAL A 842 17.58 -15.25 -9.35
CA VAL A 842 18.98 -15.67 -9.31
C VAL A 842 19.29 -16.00 -7.86
N VAL A 843 19.61 -17.25 -7.58
CA VAL A 843 20.11 -17.61 -6.25
C VAL A 843 21.63 -17.55 -6.32
N VAL A 844 22.24 -17.12 -5.22
CA VAL A 844 23.66 -16.81 -5.11
C VAL A 844 24.19 -17.46 -3.84
N ASP A 845 25.47 -17.82 -3.84
CA ASP A 845 26.08 -18.28 -2.59
C ASP A 845 26.91 -17.16 -1.96
N GLY A 846 27.45 -17.46 -0.78
CA GLY A 846 28.23 -16.52 0.00
C GLY A 846 29.38 -15.88 -0.76
N LYS A 847 29.83 -16.49 -1.85
CA LYS A 847 30.88 -15.90 -2.66
C LYS A 847 30.39 -15.33 -3.99
N GLY A 848 29.08 -15.33 -4.24
CA GLY A 848 28.58 -14.69 -5.44
C GLY A 848 28.54 -15.56 -6.67
N ASN A 849 28.75 -16.86 -6.50
CA ASN A 849 28.54 -17.77 -7.61
C ASN A 849 27.06 -17.96 -7.85
N ILE A 850 26.62 -17.83 -9.11
CA ILE A 850 25.23 -18.13 -9.41
C ILE A 850 24.97 -19.61 -9.20
N VAL A 851 24.05 -19.94 -8.30
CA VAL A 851 23.65 -21.32 -8.05
C VAL A 851 22.48 -21.73 -8.93
N GLU A 852 21.46 -20.87 -9.02
CA GLU A 852 20.31 -21.05 -9.90
C GLU A 852 20.01 -19.73 -10.57
N GLN A 853 19.38 -19.80 -11.73
CA GLN A 853 18.94 -18.58 -12.40
C GLN A 853 17.90 -18.97 -13.44
N TYR A 854 16.70 -18.44 -13.28
CA TYR A 854 15.62 -18.81 -14.16
C TYR A 854 14.52 -17.76 -14.09
N SER A 855 13.62 -17.83 -15.06
CA SER A 855 12.55 -16.87 -15.10
C SER A 855 11.30 -17.45 -14.49
N LEU A 856 10.50 -16.58 -13.89
CA LEU A 856 9.26 -16.96 -13.28
C LEU A 856 8.08 -16.67 -14.20
N ASN A 857 8.33 -16.66 -15.51
CA ASN A 857 7.23 -16.53 -16.46
C ASN A 857 6.29 -17.70 -16.38
N GLU A 858 6.80 -18.88 -16.06
CA GLU A 858 5.91 -20.00 -15.93
C GLU A 858 5.89 -20.48 -14.49
N ILE A 859 4.67 -20.68 -13.97
CA ILE A 859 4.41 -21.24 -12.66
C ILE A 859 4.10 -22.72 -12.84
N ILE A 860 4.79 -23.58 -12.10
CA ILE A 860 4.64 -25.02 -12.25
C ILE A 860 3.89 -25.56 -11.04
N ASN A 861 2.70 -26.06 -11.27
CA ASN A 861 1.86 -26.60 -10.22
C ASN A 861 2.13 -28.10 -10.17
N ASN A 862 2.25 -28.66 -8.96
CA ASN A 862 2.52 -30.07 -8.76
C ASN A 862 1.38 -30.68 -7.97
N PHE A 863 0.82 -31.77 -8.47
CA PHE A 863 -0.15 -32.52 -7.71
C PHE A 863 0.11 -33.98 -8.01
N ASN A 864 0.28 -34.79 -6.97
CA ASN A 864 0.79 -36.16 -7.15
C ASN A 864 2.14 -36.07 -7.86
N GLY A 865 2.52 -37.07 -8.63
CA GLY A 865 3.78 -36.89 -9.33
C GLY A 865 3.71 -36.07 -10.60
N ILE A 866 2.52 -35.64 -10.98
CA ILE A 866 2.32 -34.90 -12.21
C ILE A 866 2.76 -33.45 -12.01
N ARG A 867 3.13 -32.80 -13.11
CA ARG A 867 3.47 -31.38 -13.17
C ARG A 867 2.64 -30.78 -14.31
N ILE A 868 2.15 -29.55 -14.14
CA ILE A 868 1.51 -28.82 -15.23
C ILE A 868 1.87 -27.35 -15.09
N LYS A 869 2.52 -26.79 -16.10
CA LYS A 869 2.96 -25.41 -15.97
C LYS A 869 1.93 -24.50 -16.60
N THR A 870 1.88 -23.30 -16.09
CA THR A 870 1.01 -22.25 -16.59
C THR A 870 1.92 -21.07 -16.87
N ASP A 871 2.02 -20.70 -18.14
CA ASP A 871 2.89 -19.60 -18.54
C ASP A 871 2.14 -18.32 -18.27
N TYR A 872 2.49 -17.63 -17.17
CA TYR A 872 1.80 -16.39 -16.87
C TYR A 872 2.25 -15.25 -17.77
N HIS A 873 3.34 -15.44 -18.53
CA HIS A 873 3.71 -14.44 -19.52
C HIS A 873 2.84 -14.56 -20.76
N SER A 874 2.56 -15.79 -21.19
CA SER A 874 1.56 -16.00 -22.24
C SER A 874 0.22 -15.40 -21.85
N LEU A 875 -0.22 -15.60 -20.61
CA LEU A 875 -1.53 -15.11 -20.20
C LEU A 875 -1.58 -13.60 -20.28
N LEU A 876 -0.51 -12.92 -19.85
CA LEU A 876 -0.52 -11.46 -19.85
C LEU A 876 -0.53 -10.95 -21.28
N ASP A 877 0.22 -11.62 -22.15
CA ASP A 877 0.30 -11.22 -23.54
C ASP A 877 -1.06 -11.30 -24.20
N LYS A 878 -1.81 -12.36 -23.90
CA LYS A 878 -3.11 -12.52 -24.53
C LYS A 878 -4.11 -11.49 -24.00
N LYS A 879 -4.05 -11.19 -22.70
CA LYS A 879 -4.92 -10.15 -22.16
C LYS A 879 -4.47 -8.75 -22.56
N GLU A 880 -3.21 -8.56 -22.97
CA GLU A 880 -2.85 -7.26 -23.53
C GLU A 880 -3.35 -7.13 -24.97
N LYS A 881 -3.27 -8.20 -25.77
CA LYS A 881 -3.91 -8.20 -27.08
C LYS A 881 -5.41 -7.89 -26.96
N GLU A 882 -6.14 -8.64 -26.11
CA GLU A 882 -7.57 -8.37 -25.93
C GLU A 882 -7.82 -6.96 -25.44
N ARG A 883 -6.84 -6.32 -24.79
CA ARG A 883 -7.00 -4.92 -24.46
C ARG A 883 -6.97 -4.05 -25.72
N PHE A 884 -6.11 -4.40 -26.68
CA PHE A 884 -5.99 -3.64 -27.93
C PHE A 884 -7.25 -3.75 -28.76
N GLU A 885 -7.73 -4.96 -28.99
CA GLU A 885 -9.07 -5.16 -29.53
C GLU A 885 -10.08 -4.65 -28.51
N ALA A 886 -11.13 -3.98 -28.98
CA ALA A 886 -12.04 -3.23 -28.11
C ALA A 886 -11.28 -2.12 -27.36
N ARG A 887 -10.66 -1.22 -28.14
CA ARG A 887 -9.99 0.04 -27.78
C ARG A 887 -8.94 -0.12 -26.66
N GLN A 888 -9.23 0.38 -25.45
CA GLN A 888 -8.47 0.01 -24.23
C GLN A 888 -9.51 -0.20 -23.15
N ASN A 889 -10.40 -1.18 -23.38
CA ASN A 889 -11.60 -1.25 -22.57
C ASN A 889 -11.31 -1.24 -21.08
N TRP A 890 -12.24 -0.66 -20.36
CA TRP A 890 -12.14 -0.53 -18.93
C TRP A 890 -11.91 -1.86 -18.25
N THR A 891 -12.62 -2.89 -18.71
CA THR A 891 -12.60 -4.17 -18.04
C THR A 891 -11.28 -4.89 -18.25
N SER A 892 -10.77 -4.94 -19.49
CA SER A 892 -9.53 -5.67 -19.73
C SER A 892 -8.41 -5.15 -18.86
N ILE A 893 -8.37 -3.83 -18.62
CA ILE A 893 -7.45 -3.27 -17.64
C ILE A 893 -7.62 -3.94 -16.28
N GLU A 894 -8.87 -4.06 -15.83
CA GLU A 894 -9.13 -4.71 -14.55
C GLU A 894 -8.71 -6.16 -14.58
N ASN A 895 -9.11 -6.91 -15.62
CA ASN A 895 -8.72 -8.31 -15.75
C ASN A 895 -7.22 -8.45 -15.64
N ILE A 896 -6.50 -7.51 -16.24
CA ILE A 896 -5.06 -7.60 -16.19
C ILE A 896 -4.57 -7.31 -14.78
N LYS A 897 -5.11 -6.27 -14.14
CA LYS A 897 -4.78 -5.98 -12.75
C LYS A 897 -4.99 -7.20 -11.87
N GLU A 898 -6.17 -7.81 -11.96
CA GLU A 898 -6.48 -8.98 -11.14
C GLU A 898 -5.57 -10.16 -11.46
N LEU A 899 -5.29 -10.39 -12.75
CA LEU A 899 -4.39 -11.48 -13.13
C LEU A 899 -3.01 -11.32 -12.50
N LYS A 900 -2.41 -10.13 -12.63
CA LYS A 900 -1.16 -9.88 -11.94
C LYS A 900 -1.32 -10.10 -10.43
N ALA A 901 -2.46 -9.67 -9.90
CA ALA A 901 -2.65 -9.80 -8.46
C ALA A 901 -2.67 -11.26 -8.03
N GLY A 902 -2.96 -12.18 -8.95
CA GLY A 902 -3.04 -13.57 -8.56
C GLY A 902 -1.75 -14.30 -8.86
N TYR A 903 -1.08 -13.77 -9.89
CA TYR A 903 0.24 -14.25 -10.25
C TYR A 903 1.16 -14.19 -9.03
N ILE A 904 1.24 -13.02 -8.40
CA ILE A 904 2.18 -12.86 -7.29
C ILE A 904 1.87 -13.83 -6.15
N SER A 905 0.62 -14.25 -6.00
CA SER A 905 0.36 -15.23 -4.95
C SER A 905 0.86 -16.62 -5.34
N GLN A 906 1.04 -16.91 -6.62
CA GLN A 906 1.79 -18.11 -6.95
C GLN A 906 3.25 -17.90 -6.64
N VAL A 907 3.78 -16.72 -6.97
CA VAL A 907 5.21 -16.46 -6.82
C VAL A 907 5.63 -16.58 -5.37
N VAL A 908 4.76 -16.15 -4.45
CA VAL A 908 5.09 -16.22 -3.02
C VAL A 908 5.50 -17.64 -2.67
N HIS A 909 4.69 -18.60 -3.08
CA HIS A 909 5.01 -19.98 -2.80
C HIS A 909 6.40 -20.34 -3.31
N LYS A 910 6.77 -19.87 -4.51
CA LYS A 910 8.07 -20.25 -5.06
C LYS A 910 9.19 -19.65 -4.23
N ILE A 911 9.10 -18.35 -3.94
CA ILE A 911 10.10 -17.68 -3.10
C ILE A 911 10.23 -18.38 -1.76
N CYS A 912 9.09 -18.79 -1.16
CA CYS A 912 9.17 -19.47 0.12
C CYS A 912 9.91 -20.77 -0.02
N GLU A 913 9.66 -21.48 -1.12
CA GLU A 913 10.42 -22.70 -1.36
C GLU A 913 11.91 -22.39 -1.42
N LEU A 914 12.30 -21.39 -2.22
CA LEU A 914 13.72 -21.06 -2.35
C LEU A 914 14.33 -20.73 -0.99
N VAL A 915 13.65 -19.88 -0.21
CA VAL A 915 14.11 -19.58 1.15
C VAL A 915 14.38 -20.85 1.91
N GLU A 916 13.41 -21.75 1.95
CA GLU A 916 13.58 -22.96 2.74
C GLU A 916 14.69 -23.84 2.18
N LYS A 917 14.76 -23.95 0.85
CA LYS A 917 15.72 -24.87 0.24
C LYS A 917 17.16 -24.42 0.49
N TYR A 918 17.40 -23.12 0.40
CA TYR A 918 18.75 -22.60 0.48
C TYR A 918 19.03 -21.88 1.79
N ASP A 919 18.14 -21.96 2.78
CA ASP A 919 18.37 -21.25 4.03
C ASP A 919 18.66 -19.79 3.75
N ALA A 920 17.90 -19.21 2.81
CA ALA A 920 18.35 -18.02 2.09
C ALA A 920 17.58 -16.77 2.50
N VAL A 921 18.34 -15.69 2.69
CA VAL A 921 17.86 -14.32 2.71
C VAL A 921 17.34 -13.88 1.34
N ILE A 922 16.46 -12.87 1.33
CA ILE A 922 15.83 -12.40 0.10
C ILE A 922 16.31 -10.99 -0.21
N ALA A 923 16.71 -10.75 -1.46
CA ALA A 923 17.13 -9.42 -1.90
C ALA A 923 16.09 -8.84 -2.85
N LEU A 924 15.44 -7.75 -2.45
CA LEU A 924 14.36 -7.16 -3.21
C LEU A 924 14.66 -5.71 -3.57
N GLU A 925 13.97 -5.23 -4.62
CA GLU A 925 14.10 -3.82 -5.00
C GLU A 925 13.39 -2.92 -4.00
N ASP A 926 14.08 -1.87 -3.50
CA ASP A 926 13.49 -0.78 -2.71
C ASP A 926 12.70 0.16 -3.61
N LEU A 927 11.38 0.18 -3.45
CA LEU A 927 10.51 0.90 -4.36
C LEU A 927 10.25 2.34 -3.94
N ASN A 928 10.87 2.83 -2.86
CA ASN A 928 10.82 4.25 -2.52
C ASN A 928 11.96 5.06 -3.14
N SER A 929 13.07 4.43 -3.50
CA SER A 929 14.17 5.17 -4.08
C SER A 929 14.20 5.06 -5.60
N GLY A 930 14.16 3.83 -6.11
CA GLY A 930 14.40 3.59 -7.51
C GLY A 930 13.38 4.25 -8.42
N PHE A 931 13.66 4.16 -9.72
CA PHE A 931 12.80 4.69 -10.76
C PHE A 931 12.44 3.55 -11.69
N LYS A 932 11.14 3.34 -11.88
CA LYS A 932 10.60 2.22 -12.65
C LYS A 932 10.57 2.60 -14.11
N ASN A 933 11.17 1.74 -14.93
CA ASN A 933 11.32 1.97 -16.37
C ASN A 933 10.03 1.80 -17.19
N SER A 934 9.00 1.12 -16.66
CA SER A 934 7.74 0.95 -17.39
C SER A 934 7.89 0.06 -18.63
N ARG A 935 9.13 -0.29 -18.99
CA ARG A 935 9.28 -1.45 -19.86
C ARG A 935 8.88 -2.72 -19.08
N VAL A 936 9.04 -2.70 -17.75
CA VAL A 936 8.76 -3.88 -16.93
C VAL A 936 7.27 -4.10 -16.83
N LYS A 937 6.86 -5.36 -16.95
CA LYS A 937 5.44 -5.67 -16.96
C LYS A 937 4.80 -5.44 -15.61
N VAL A 938 5.44 -5.91 -14.53
CA VAL A 938 4.87 -5.80 -13.19
C VAL A 938 5.07 -4.38 -12.65
N GLU A 939 4.09 -3.50 -12.87
CA GLU A 939 4.22 -2.11 -12.45
C GLU A 939 4.43 -1.98 -10.93
N LYS A 940 4.93 -0.81 -10.53
CA LYS A 940 5.24 -0.58 -9.12
C LYS A 940 4.08 -0.92 -8.22
N GLN A 941 2.86 -0.55 -8.61
CA GLN A 941 1.73 -0.76 -7.71
C GLN A 941 1.57 -2.23 -7.38
N VAL A 942 1.60 -3.09 -8.40
CA VAL A 942 1.44 -4.52 -8.20
C VAL A 942 2.61 -5.10 -7.44
N TYR A 943 3.82 -4.62 -7.72
CA TYR A 943 4.98 -5.11 -6.99
C TYR A 943 4.96 -4.71 -5.52
N GLN A 944 4.45 -3.51 -5.21
CA GLN A 944 4.27 -3.15 -3.82
C GLN A 944 3.39 -4.16 -3.12
N LYS A 945 2.31 -4.56 -3.81
CA LYS A 945 1.41 -5.56 -3.29
C LYS A 945 2.15 -6.87 -3.07
N PHE A 946 3.02 -7.25 -4.01
CA PHE A 946 3.81 -8.46 -3.86
C PHE A 946 4.77 -8.38 -2.67
N GLU A 947 5.48 -7.26 -2.50
CA GLU A 947 6.35 -7.17 -1.33
C GLU A 947 5.54 -7.21 -0.03
N LYS A 948 4.32 -6.65 -0.04
CA LYS A 948 3.47 -6.76 1.14
C LYS A 948 3.08 -8.21 1.39
N MET A 949 2.63 -8.91 0.35
CA MET A 949 2.29 -10.31 0.50
C MET A 949 3.47 -11.11 1.03
N LEU A 950 4.66 -10.82 0.52
CA LEU A 950 5.84 -11.57 0.94
C LEU A 950 6.13 -11.40 2.42
N ILE A 951 6.20 -10.13 2.88
CA ILE A 951 6.31 -9.84 4.32
C ILE A 951 5.29 -10.66 5.09
N ASP A 952 4.01 -10.53 4.70
CA ASP A 952 2.92 -11.18 5.41
C ASP A 952 3.12 -12.68 5.49
N LYS A 953 3.42 -13.33 4.38
CA LYS A 953 3.56 -14.79 4.46
C LYS A 953 4.66 -15.16 5.43
N LEU A 954 5.71 -14.35 5.51
CA LEU A 954 6.88 -14.73 6.25
C LEU A 954 6.76 -14.35 7.73
N ASN A 955 5.62 -13.77 8.15
CA ASN A 955 5.32 -13.67 9.57
C ASN A 955 5.16 -15.05 10.20
N TYR A 956 4.82 -16.04 9.41
CA TYR A 956 4.50 -17.37 9.86
C TYR A 956 4.47 -18.17 8.57
N MET A 957 5.68 -18.47 8.09
CA MET A 957 5.88 -19.21 6.85
C MET A 957 5.74 -20.70 7.14
N VAL A 958 4.82 -21.37 6.42
CA VAL A 958 4.52 -22.78 6.63
C VAL A 958 4.58 -23.50 5.30
N ASP A 959 4.96 -24.77 5.35
CA ASP A 959 4.88 -25.65 4.20
C ASP A 959 3.68 -26.57 4.46
N LYS A 960 2.58 -26.35 3.72
CA LYS A 960 1.40 -27.19 3.95
C LYS A 960 1.74 -28.66 3.94
N LYS A 961 2.52 -29.08 2.96
CA LYS A 961 2.89 -30.47 2.78
C LYS A 961 3.86 -31.01 3.83
N SER A 962 4.39 -30.20 4.75
CA SER A 962 5.21 -30.75 5.83
C SER A 962 4.35 -31.29 6.98
N ASN A 963 4.99 -32.11 7.80
CA ASN A 963 4.36 -32.59 9.03
C ASN A 963 4.17 -31.41 9.97
N PRO A 964 2.95 -31.17 10.47
CA PRO A 964 2.65 -29.96 11.23
C PRO A 964 3.52 -29.77 12.43
N CYS A 965 3.99 -30.87 13.02
CA CYS A 965 4.81 -30.71 14.20
C CYS A 965 6.27 -30.43 13.89
N ALA A 966 6.69 -30.49 12.63
CA ALA A 966 8.07 -30.27 12.28
C ALA A 966 8.31 -28.80 12.08
N THR A 967 9.51 -28.33 12.37
CA THR A 967 9.83 -26.96 12.01
C THR A 967 9.66 -26.75 10.50
N GLY A 968 8.99 -25.63 10.15
CA GLY A 968 8.46 -25.42 8.83
C GLY A 968 6.99 -25.75 8.71
N GLY A 969 6.45 -26.52 9.68
CA GLY A 969 5.09 -27.02 9.59
C GLY A 969 4.08 -26.06 10.17
N ALA A 970 2.80 -26.42 10.02
CA ALA A 970 1.75 -25.47 10.37
C ALA A 970 1.74 -25.11 11.86
N LEU A 971 2.48 -25.84 12.70
CA LEU A 971 2.53 -25.59 14.14
C LEU A 971 3.86 -25.00 14.57
N LYS A 972 4.85 -25.01 13.67
CA LYS A 972 6.19 -24.54 13.95
C LYS A 972 6.56 -23.70 12.73
N GLY A 973 5.75 -22.70 12.45
CA GLY A 973 6.01 -21.87 11.29
C GLY A 973 7.18 -20.96 11.53
N TYR A 974 7.92 -20.68 10.47
CA TYR A 974 9.07 -19.80 10.55
C TYR A 974 8.56 -18.38 10.62
N GLN A 975 9.20 -17.56 11.43
CA GLN A 975 8.80 -16.16 11.55
C GLN A 975 10.08 -15.38 11.24
N ILE A 976 10.27 -15.07 9.96
CA ILE A 976 11.48 -14.43 9.48
C ILE A 976 11.18 -13.00 9.01
N THR A 977 10.04 -12.48 9.42
CA THR A 977 9.59 -11.17 8.96
C THR A 977 8.82 -10.47 10.06
N ASN A 978 9.06 -9.18 10.20
CA ASN A 978 8.31 -8.40 11.16
C ASN A 978 6.98 -7.97 10.53
N LYS A 979 5.93 -7.87 11.37
CA LYS A 979 4.60 -7.49 10.91
C LYS A 979 4.64 -6.24 10.01
N PHE A 980 3.92 -6.29 8.86
CA PHE A 980 3.88 -5.18 7.90
C PHE A 980 3.34 -3.89 8.48
N GLU A 981 3.93 -2.76 8.08
CA GLU A 981 3.53 -1.46 8.62
C GLU A 981 2.98 -0.55 7.54
N SER A 982 3.76 -0.33 6.48
CA SER A 982 3.42 0.66 5.47
C SER A 982 4.39 0.47 4.32
N PHE A 983 3.96 0.88 3.13
CA PHE A 983 4.83 0.75 1.98
C PHE A 983 6.13 1.53 2.20
N LYS A 984 6.03 2.76 2.72
CA LYS A 984 7.24 3.53 2.98
C LYS A 984 8.22 2.78 3.89
N SER A 985 7.71 1.89 4.74
CA SER A 985 8.57 1.13 5.63
C SER A 985 9.23 -0.06 4.94
N MET A 986 8.82 -0.40 3.72
CA MET A 986 9.47 -1.45 2.93
C MET A 986 10.79 -0.93 2.35
N SER A 987 11.75 -0.73 3.26
CA SER A 987 13.05 -0.14 2.95
C SER A 987 14.06 -0.62 3.99
N THR A 988 15.35 -0.53 3.63
CA THR A 988 16.45 -1.15 4.38
C THR A 988 16.18 -2.63 4.56
N GLN A 989 15.73 -3.07 5.76
CA GLN A 989 15.66 -4.50 6.02
C GLN A 989 14.51 -4.84 6.93
N ASN A 990 13.90 -6.00 6.68
CA ASN A 990 12.81 -6.59 7.47
C ASN A 990 13.16 -8.07 7.56
N GLY A 991 13.81 -8.46 8.65
CA GLY A 991 14.22 -9.84 8.83
C GLY A 991 15.05 -10.35 7.67
N PHE A 992 14.55 -11.39 7.03
CA PHE A 992 15.16 -12.04 5.88
C PHE A 992 15.02 -11.26 4.58
N ILE A 993 14.24 -10.20 4.55
CA ILE A 993 14.04 -9.44 3.32
C ILE A 993 14.89 -8.17 3.37
N PHE A 994 15.78 -8.00 2.40
CA PHE A 994 16.56 -6.79 2.26
C PHE A 994 16.09 -6.02 1.04
N TYR A 995 15.81 -4.73 1.25
CA TYR A 995 15.38 -3.80 0.20
C TYR A 995 16.56 -2.99 -0.28
N ILE A 996 16.73 -2.94 -1.59
CA ILE A 996 17.95 -2.50 -2.28
C ILE A 996 17.62 -1.57 -3.43
N PRO A 997 18.45 -0.56 -3.71
CA PRO A 997 18.19 0.26 -4.90
C PRO A 997 18.59 -0.51 -6.14
N ALA A 998 17.82 -0.33 -7.20
CA ALA A 998 18.07 -1.01 -8.46
C ALA A 998 19.08 -0.30 -9.35
N TRP A 999 19.70 0.79 -8.86
CA TRP A 999 20.67 1.54 -9.66
C TRP A 999 21.84 0.67 -10.07
N LEU A 1000 22.18 0.77 -11.35
CA LEU A 1000 23.36 0.11 -11.89
C LEU A 1000 23.35 -1.38 -11.58
N THR A 1001 22.15 -1.99 -11.58
CA THR A 1001 22.05 -3.43 -11.43
C THR A 1001 21.83 -4.16 -12.75
N SER A 1002 21.23 -3.47 -13.73
CA SER A 1002 20.99 -4.04 -15.05
C SER A 1002 22.17 -3.79 -15.98
N LYS A 1003 22.44 -2.52 -16.31
CA LYS A 1003 23.42 -2.16 -17.35
C LYS A 1003 24.85 -2.12 -16.78
N ILE A 1004 25.36 -3.30 -16.42
CA ILE A 1004 26.68 -3.42 -15.83
C ILE A 1004 27.28 -4.78 -16.18
N ASP A 1005 28.50 -4.77 -16.71
CA ASP A 1005 29.23 -5.98 -17.04
C ASP A 1005 29.43 -6.84 -15.79
N PRO A 1006 28.67 -7.92 -15.62
CA PRO A 1006 28.83 -8.73 -14.42
C PRO A 1006 30.20 -9.32 -14.26
N SER A 1007 31.02 -9.33 -15.33
CA SER A 1007 32.34 -9.95 -15.31
C SER A 1007 33.45 -8.99 -14.90
N THR A 1008 33.24 -7.68 -15.01
CA THR A 1008 34.27 -6.71 -14.72
C THR A 1008 33.86 -5.64 -13.73
N GLY A 1009 32.56 -5.43 -13.55
CA GLY A 1009 32.04 -4.28 -12.86
C GLY A 1009 31.96 -3.05 -13.71
N PHE A 1010 32.12 -3.18 -15.02
CA PHE A 1010 32.15 -1.99 -15.86
C PHE A 1010 30.75 -1.39 -16.01
N VAL A 1011 30.66 -0.06 -15.95
CA VAL A 1011 29.43 0.64 -16.34
C VAL A 1011 29.82 1.78 -17.28
N ASN A 1012 28.83 2.26 -18.04
CA ASN A 1012 29.05 3.35 -19.01
C ASN A 1012 28.64 4.66 -18.36
N LEU A 1013 29.63 5.37 -17.83
CA LEU A 1013 29.42 6.67 -17.19
C LEU A 1013 29.55 7.85 -18.14
N LEU A 1014 29.85 7.59 -19.43
CA LEU A 1014 29.98 8.61 -20.46
C LEU A 1014 28.62 9.09 -20.98
N LYS A 1015 28.54 10.38 -21.27
CA LYS A 1015 27.47 10.95 -22.08
C LYS A 1015 27.99 11.06 -23.51
N THR A 1016 27.40 10.29 -24.42
CA THR A 1016 27.78 10.32 -25.83
C THR A 1016 26.75 11.01 -26.71
N LYS A 1017 25.80 11.73 -26.12
CA LYS A 1017 24.86 12.51 -26.91
C LYS A 1017 25.59 13.65 -27.61
N TYR A 1018 25.46 13.72 -28.93
CA TYR A 1018 26.10 14.78 -29.72
C TYR A 1018 25.42 16.11 -29.47
N THR A 1019 26.20 17.11 -29.13
CA THR A 1019 25.75 18.49 -29.13
C THR A 1019 26.48 19.33 -30.18
N SER A 1020 27.80 19.45 -30.10
CA SER A 1020 28.54 20.39 -30.93
C SER A 1020 29.80 19.74 -31.50
N ILE A 1021 30.35 20.37 -32.55
CA ILE A 1021 31.62 19.94 -33.12
C ILE A 1021 32.74 20.18 -32.12
N ALA A 1022 32.64 21.27 -31.36
CA ALA A 1022 33.62 21.54 -30.32
C ALA A 1022 33.48 20.55 -29.17
N ASP A 1023 32.25 20.25 -28.77
CA ASP A 1023 32.04 19.28 -27.71
C ASP A 1023 32.55 17.91 -28.12
N SER A 1024 32.31 17.52 -29.37
CA SER A 1024 32.77 16.23 -29.87
C SER A 1024 34.29 16.16 -29.94
N LYS A 1025 34.97 17.29 -30.06
CA LYS A 1025 36.43 17.27 -30.06
C LYS A 1025 36.97 17.04 -28.65
N LYS A 1026 36.51 17.86 -27.67
CA LYS A 1026 36.97 17.72 -26.30
C LYS A 1026 36.78 16.30 -25.80
N PHE A 1027 35.69 15.65 -26.22
CA PHE A 1027 35.46 14.24 -25.88
C PHE A 1027 36.57 13.35 -26.42
N ILE A 1028 36.86 13.46 -27.72
CA ILE A 1028 37.82 12.53 -28.33
C ILE A 1028 39.23 12.78 -27.79
N SER A 1029 39.50 14.00 -27.33
CA SER A 1029 40.80 14.33 -26.76
C SER A 1029 40.92 13.88 -25.31
N SER A 1030 39.80 13.58 -24.64
CA SER A 1030 39.83 13.19 -23.23
C SER A 1030 40.24 11.73 -23.04
N PHE A 1031 40.17 10.93 -24.11
CA PHE A 1031 40.72 9.57 -24.08
C PHE A 1031 42.24 9.59 -24.06
N ASP A 1032 42.84 8.73 -23.23
CA ASP A 1032 44.28 8.54 -23.26
C ASP A 1032 44.78 8.08 -24.63
N ARG A 1033 44.07 7.15 -25.26
CA ARG A 1033 44.49 6.66 -26.57
C ARG A 1033 43.29 6.13 -27.36
N ILE A 1034 43.32 6.33 -28.67
CA ILE A 1034 42.39 5.69 -29.61
C ILE A 1034 43.22 5.09 -30.73
N MET A 1035 43.18 3.77 -30.88
CA MET A 1035 44.05 3.14 -31.87
C MET A 1035 43.33 1.96 -32.51
N TYR A 1036 43.80 1.58 -33.70
CA TYR A 1036 43.40 0.33 -34.30
C TYR A 1036 44.37 -0.74 -33.83
N VAL A 1037 43.87 -1.93 -33.51
CA VAL A 1037 44.74 -3.04 -33.13
C VAL A 1037 44.72 -4.12 -34.20
N PRO A 1038 45.75 -4.23 -35.03
CA PRO A 1038 45.68 -5.14 -36.18
C PRO A 1038 45.67 -6.62 -35.77
N GLU A 1039 46.38 -6.99 -34.71
CA GLU A 1039 46.46 -8.40 -34.34
C GLU A 1039 45.19 -8.90 -33.69
N GLU A 1040 44.20 -8.03 -33.50
CA GLU A 1040 42.89 -8.40 -32.99
C GLU A 1040 41.72 -7.97 -33.85
N ASP A 1041 41.92 -7.03 -34.77
CA ASP A 1041 40.85 -6.49 -35.62
C ASP A 1041 39.81 -5.80 -34.75
N LEU A 1042 40.31 -5.00 -33.79
CA LEU A 1042 39.51 -4.23 -32.83
C LEU A 1042 40.07 -2.83 -32.67
N PHE A 1043 39.17 -1.86 -32.53
CA PHE A 1043 39.53 -0.50 -32.15
C PHE A 1043 39.49 -0.35 -30.63
N GLU A 1044 40.61 0.08 -30.06
CA GLU A 1044 40.79 0.16 -28.62
C GLU A 1044 40.73 1.61 -28.18
N PHE A 1045 39.83 1.90 -27.24
CA PHE A 1045 39.62 3.24 -26.69
C PHE A 1045 40.01 3.18 -25.21
N ALA A 1046 41.30 3.35 -24.93
CA ALA A 1046 41.75 3.42 -23.56
C ALA A 1046 41.31 4.75 -22.95
N LEU A 1047 40.76 4.71 -21.74
CA LEU A 1047 40.42 5.92 -21.02
C LEU A 1047 40.79 5.79 -19.56
N ASP A 1048 40.86 6.96 -18.93
CA ASP A 1048 40.86 7.14 -17.48
C ASP A 1048 39.65 8.02 -17.20
N TYR A 1049 38.66 7.47 -16.48
CA TYR A 1049 37.46 8.21 -16.14
C TYR A 1049 37.75 9.55 -15.47
N LYS A 1050 39.00 9.77 -15.02
CA LYS A 1050 39.39 11.04 -14.42
C LYS A 1050 39.01 12.21 -15.31
N ASN A 1051 39.26 12.09 -16.61
CA ASN A 1051 39.20 13.11 -17.66
C ASN A 1051 37.79 13.38 -18.18
N PHE A 1052 36.75 12.75 -17.62
CA PHE A 1052 35.38 13.01 -18.04
C PHE A 1052 34.56 13.44 -16.83
N SER A 1053 33.45 14.10 -17.09
CA SER A 1053 32.66 14.65 -16.00
C SER A 1053 31.65 13.62 -15.51
N ARG A 1054 31.31 13.72 -14.22
CA ARG A 1054 30.33 12.83 -13.57
C ARG A 1054 30.79 11.37 -13.55
N THR A 1055 32.07 11.13 -13.21
CA THR A 1055 32.58 9.76 -13.09
C THR A 1055 33.11 9.49 -11.69
N ASP A 1056 32.55 10.14 -10.68
CA ASP A 1056 33.08 9.94 -9.33
C ASP A 1056 32.84 8.52 -8.84
N ALA A 1057 31.74 7.91 -9.26
CA ALA A 1057 31.32 6.65 -8.66
C ALA A 1057 32.26 5.50 -9.02
N ASP A 1058 32.89 5.55 -10.20
CA ASP A 1058 33.68 4.41 -10.68
C ASP A 1058 34.85 4.20 -9.74
N TYR A 1059 35.29 2.96 -9.60
CA TYR A 1059 36.38 2.72 -8.68
C TYR A 1059 37.69 2.40 -9.37
N ILE A 1060 37.68 1.64 -10.48
CA ILE A 1060 38.91 1.31 -11.20
C ILE A 1060 39.45 2.52 -11.96
N LYS A 1061 38.56 3.21 -12.69
CA LYS A 1061 38.81 4.46 -13.42
C LYS A 1061 39.45 4.22 -14.79
N LYS A 1062 40.51 3.41 -14.87
CA LYS A 1062 41.20 3.16 -16.14
C LYS A 1062 40.61 1.91 -16.79
N TRP A 1063 39.97 2.11 -17.93
CA TRP A 1063 39.36 1.03 -18.69
C TRP A 1063 39.85 1.11 -20.12
N LYS A 1064 39.91 -0.05 -20.78
CA LYS A 1064 40.20 -0.14 -22.20
C LYS A 1064 38.97 -0.70 -22.93
N LEU A 1065 38.23 0.20 -23.58
CA LEU A 1065 37.09 -0.16 -24.41
C LEU A 1065 37.59 -0.78 -25.70
N TYR A 1066 36.78 -1.67 -26.27
CA TYR A 1066 37.03 -2.22 -27.58
C TYR A 1066 35.74 -2.17 -28.37
N SER A 1067 35.84 -2.10 -29.70
CA SER A 1067 34.66 -2.21 -30.55
C SER A 1067 34.50 -3.67 -30.97
N TYR A 1068 34.33 -4.51 -29.96
CA TYR A 1068 34.16 -5.95 -30.14
C TYR A 1068 32.72 -6.26 -30.51
N GLY A 1069 32.54 -7.25 -31.39
CA GLY A 1069 31.23 -7.77 -31.76
C GLY A 1069 30.21 -6.71 -32.18
N ASN A 1070 28.95 -7.16 -32.22
CA ASN A 1070 27.82 -6.41 -32.76
C ASN A 1070 26.99 -5.74 -31.67
N ARG A 1071 26.10 -4.86 -32.13
CA ARG A 1071 25.15 -4.14 -31.30
C ARG A 1071 23.84 -4.11 -32.07
N ILE A 1072 22.80 -3.55 -31.47
CA ILE A 1072 21.51 -3.44 -32.13
C ILE A 1072 21.04 -2.01 -32.00
N ARG A 1073 21.08 -1.29 -33.11
CA ARG A 1073 20.71 0.11 -33.10
C ARG A 1073 19.18 0.21 -33.11
N ILE A 1074 18.65 1.23 -32.46
CA ILE A 1074 17.21 1.51 -32.51
C ILE A 1074 17.00 3.00 -32.78
N ASP A 1085 13.61 1.92 -37.18
CA ASP A 1085 13.37 0.73 -36.36
C ASP A 1085 14.71 0.17 -35.88
N TRP A 1086 15.08 -1.07 -36.23
CA TRP A 1086 16.34 -1.64 -35.75
C TRP A 1086 17.17 -2.28 -36.87
N GLU A 1087 18.50 -2.09 -36.76
CA GLU A 1087 19.49 -2.71 -37.61
C GLU A 1087 20.60 -3.30 -36.75
N GLU A 1088 21.11 -4.48 -37.14
CA GLU A 1088 22.35 -4.97 -36.56
C GLU A 1088 23.51 -4.15 -37.09
N VAL A 1089 24.50 -3.92 -36.24
CA VAL A 1089 25.67 -3.10 -36.58
C VAL A 1089 26.90 -3.86 -36.13
N CYS A 1090 27.75 -4.23 -37.08
CA CYS A 1090 29.05 -4.76 -36.70
C CYS A 1090 29.94 -3.59 -36.33
N LEU A 1091 30.46 -3.58 -35.10
CA LEU A 1091 31.13 -2.39 -34.60
C LEU A 1091 32.45 -2.14 -35.33
N THR A 1092 33.31 -3.15 -35.42
CA THR A 1092 34.62 -2.92 -36.02
C THR A 1092 34.50 -2.33 -37.43
N SER A 1093 33.75 -3.01 -38.31
CA SER A 1093 33.63 -2.58 -39.71
C SER A 1093 32.92 -1.24 -39.85
N ALA A 1094 32.00 -0.90 -38.94
CA ALA A 1094 31.26 0.36 -39.04
C ALA A 1094 32.11 1.56 -38.65
N TYR A 1095 33.19 1.33 -37.89
CA TYR A 1095 34.18 2.39 -37.68
C TYR A 1095 35.02 2.58 -38.92
N LYS A 1096 35.56 1.48 -39.46
CA LYS A 1096 36.23 1.50 -40.75
C LYS A 1096 35.42 2.30 -41.76
N GLU A 1097 34.15 1.92 -41.95
CA GLU A 1097 33.25 2.61 -42.87
C GLU A 1097 33.21 4.11 -42.60
N LEU A 1098 33.10 4.51 -41.33
CA LEU A 1098 33.02 5.93 -41.01
C LEU A 1098 34.34 6.63 -41.31
N PHE A 1099 35.46 6.00 -40.96
CA PHE A 1099 36.75 6.63 -41.18
C PHE A 1099 37.09 6.71 -42.67
N ASN A 1100 36.80 5.64 -43.41
CA ASN A 1100 37.06 5.64 -44.84
C ASN A 1100 36.22 6.70 -45.54
N LYS A 1101 34.96 6.87 -45.12
CA LYS A 1101 34.14 7.97 -45.66
C LYS A 1101 34.82 9.32 -45.56
N TYR A 1102 35.71 9.53 -44.59
CA TYR A 1102 36.34 10.83 -44.40
C TYR A 1102 37.86 10.78 -44.53
N GLY A 1103 38.39 9.76 -45.19
CA GLY A 1103 39.81 9.73 -45.51
C GLY A 1103 40.71 9.77 -44.30
N ILE A 1104 40.28 9.16 -43.20
CA ILE A 1104 41.11 9.05 -42.01
C ILE A 1104 41.88 7.74 -42.11
N ASN A 1105 43.20 7.83 -41.98
CA ASN A 1105 44.06 6.65 -41.90
C ASN A 1105 44.08 6.20 -40.44
N TYR A 1106 43.31 5.14 -40.14
CA TYR A 1106 43.18 4.63 -38.79
C TYR A 1106 44.27 3.63 -38.40
N GLN A 1107 45.11 3.21 -39.35
CA GLN A 1107 46.14 2.26 -38.99
C GLN A 1107 47.38 2.94 -38.43
N GLN A 1108 47.44 4.27 -38.52
CA GLN A 1108 48.61 5.06 -38.16
C GLN A 1108 48.63 5.33 -36.65
N GLY A 1109 48.99 4.29 -35.88
CA GLY A 1109 49.15 4.37 -34.44
C GLY A 1109 48.00 5.06 -33.72
N ASP A 1110 48.29 6.09 -32.91
CA ASP A 1110 47.25 6.87 -32.25
C ASP A 1110 46.54 7.78 -33.26
N ILE A 1111 45.21 7.80 -33.20
CA ILE A 1111 44.38 8.44 -34.22
C ILE A 1111 43.74 9.72 -33.71
N ARG A 1112 43.88 10.03 -32.42
CA ARG A 1112 43.13 11.10 -31.78
C ARG A 1112 43.26 12.46 -32.47
N ALA A 1113 44.46 12.81 -32.95
CA ALA A 1113 44.64 14.07 -33.68
C ALA A 1113 43.82 14.08 -34.98
N LEU A 1114 43.96 13.01 -35.79
CA LEU A 1114 43.25 12.91 -37.07
C LEU A 1114 41.75 13.17 -36.93
N LEU A 1115 41.09 12.53 -35.97
CA LEU A 1115 39.65 12.73 -35.84
C LEU A 1115 39.32 14.18 -35.49
N CYS A 1116 40.13 14.81 -34.63
CA CYS A 1116 39.88 16.20 -34.28
C CYS A 1116 40.27 17.15 -35.41
N GLU A 1117 41.19 16.71 -36.28
CA GLU A 1117 41.52 17.49 -37.48
C GLU A 1117 40.30 17.66 -38.38
N GLN A 1118 39.56 16.56 -38.63
CA GLN A 1118 38.34 16.60 -39.43
C GLN A 1118 37.43 17.75 -39.00
N SER A 1119 36.75 18.35 -39.97
CA SER A 1119 35.98 19.57 -39.75
C SER A 1119 34.51 19.42 -40.07
N ASP A 1120 34.05 18.20 -40.36
CA ASP A 1120 32.69 17.92 -40.80
C ASP A 1120 31.81 17.48 -39.64
N LYS A 1121 30.67 18.15 -39.46
CA LYS A 1121 29.80 17.85 -38.33
C LYS A 1121 29.14 16.48 -38.45
N ALA A 1122 28.87 16.02 -39.68
CA ALA A 1122 28.29 14.70 -39.86
C ALA A 1122 29.29 13.59 -39.58
N PHE A 1123 30.58 13.92 -39.51
CA PHE A 1123 31.55 12.94 -39.01
C PHE A 1123 31.42 12.75 -37.51
N TYR A 1124 31.33 13.85 -36.75
CA TYR A 1124 31.29 13.73 -35.31
C TYR A 1124 30.00 13.07 -34.83
N SER A 1125 28.87 13.31 -35.50
CA SER A 1125 27.63 12.71 -35.06
C SER A 1125 27.57 11.22 -35.41
N SER A 1126 28.20 10.82 -36.52
CA SER A 1126 28.36 9.39 -36.79
C SER A 1126 29.28 8.75 -35.78
N PHE A 1127 30.26 9.50 -35.28
CA PHE A 1127 31.22 8.96 -34.32
C PHE A 1127 30.60 8.83 -32.93
N MET A 1128 29.94 9.88 -32.44
CA MET A 1128 29.27 9.82 -31.14
C MET A 1128 28.18 8.76 -31.12
N ALA A 1129 27.50 8.57 -32.24
CA ALA A 1129 26.54 7.48 -32.35
C ALA A 1129 27.26 6.13 -32.34
N LEU A 1130 28.43 6.05 -32.98
CA LEU A 1130 29.21 4.82 -32.90
C LEU A 1130 29.76 4.59 -31.50
N MET A 1131 30.03 5.65 -30.75
CA MET A 1131 30.44 5.46 -29.36
C MET A 1131 29.26 5.00 -28.50
N SER A 1132 28.10 5.63 -28.67
CA SER A 1132 26.89 5.19 -28.01
C SER A 1132 26.68 3.67 -28.18
N LEU A 1133 26.91 3.16 -29.38
CA LEU A 1133 26.60 1.76 -29.63
C LEU A 1133 27.59 0.85 -28.92
N MET A 1134 28.84 1.27 -28.85
CA MET A 1134 29.85 0.43 -28.22
C MET A 1134 29.64 0.35 -26.71
N LEU A 1135 29.00 1.37 -26.13
CA LEU A 1135 28.77 1.44 -24.69
C LEU A 1135 27.36 1.00 -24.30
N GLN A 1136 26.51 0.69 -25.26
CA GLN A 1136 25.18 0.14 -25.03
C GLN A 1136 25.31 -1.37 -24.78
N MET A 1137 25.57 -1.77 -23.52
CA MET A 1137 25.81 -3.18 -23.22
C MET A 1137 24.58 -4.05 -23.40
N ARG A 1138 23.40 -3.47 -23.33
CA ARG A 1138 22.16 -4.23 -23.45
C ARG A 1138 21.61 -4.05 -24.85
N ASN A 1139 21.33 -5.17 -25.53
CA ASN A 1139 20.77 -5.07 -26.86
C ASN A 1139 19.54 -5.96 -26.95
N SER A 1140 18.44 -5.37 -27.43
CA SER A 1140 17.12 -5.96 -27.36
C SER A 1140 16.34 -5.57 -28.60
N ILE A 1141 15.56 -6.51 -29.15
CA ILE A 1141 14.60 -6.26 -30.23
C ILE A 1141 13.20 -6.46 -29.67
N THR A 1142 12.40 -5.40 -29.62
CA THR A 1142 11.07 -5.53 -29.03
C THR A 1142 10.21 -6.48 -29.85
N GLY A 1143 9.47 -7.34 -29.15
CA GLY A 1143 8.72 -8.41 -29.78
C GLY A 1143 9.52 -9.67 -30.05
N ARG A 1144 10.84 -9.59 -30.08
CA ARG A 1144 11.74 -10.71 -30.31
C ARG A 1144 12.34 -11.15 -28.97
N THR A 1145 11.63 -12.05 -28.27
CA THR A 1145 12.07 -12.50 -26.96
C THR A 1145 13.37 -13.29 -26.99
N ASP A 1146 13.82 -13.72 -28.18
CA ASP A 1146 15.09 -14.43 -28.34
C ASP A 1146 16.30 -13.51 -28.17
N VAL A 1147 16.11 -12.21 -28.45
CA VAL A 1147 17.20 -11.22 -28.56
C VAL A 1147 17.10 -10.22 -27.41
N ASP A 1148 17.67 -10.59 -26.27
CA ASP A 1148 17.85 -9.73 -25.10
C ASP A 1148 19.28 -9.79 -24.63
N PHE A 1149 20.26 -9.66 -25.53
CA PHE A 1149 21.60 -9.99 -25.10
C PHE A 1149 22.29 -8.79 -24.45
N LEU A 1150 23.27 -9.13 -23.63
CA LEU A 1150 24.09 -8.20 -22.85
C LEU A 1150 25.53 -8.50 -23.18
N ILE A 1151 26.27 -7.49 -23.66
CA ILE A 1151 27.60 -7.71 -24.22
C ILE A 1151 28.55 -6.61 -23.76
N SER A 1152 29.74 -7.00 -23.30
CA SER A 1152 30.60 -6.01 -22.68
C SER A 1152 31.61 -5.45 -23.70
N PRO A 1153 31.94 -4.16 -23.62
CA PRO A 1153 33.08 -3.63 -24.37
C PRO A 1153 34.41 -3.70 -23.65
N VAL A 1154 34.53 -4.47 -22.57
CA VAL A 1154 35.72 -4.47 -21.73
C VAL A 1154 36.14 -5.91 -21.47
N LYS A 1155 37.44 -6.15 -21.44
CA LYS A 1155 37.94 -7.49 -21.22
C LYS A 1155 38.12 -7.75 -19.74
N ASN A 1156 37.99 -9.00 -19.36
CA ASN A 1156 38.04 -9.36 -17.95
C ASN A 1156 39.49 -9.62 -17.55
N SER A 1157 39.67 -10.30 -16.41
CA SER A 1157 40.98 -10.72 -15.95
C SER A 1157 41.73 -11.45 -17.06
N ASP A 1158 41.05 -12.38 -17.73
CA ASP A 1158 41.66 -13.30 -18.70
C ASP A 1158 41.50 -12.81 -20.15
N GLY A 1159 41.19 -11.53 -20.35
CA GLY A 1159 41.11 -11.00 -21.70
C GLY A 1159 39.97 -11.56 -22.53
N ILE A 1160 38.89 -11.95 -21.88
CA ILE A 1160 37.67 -12.38 -22.56
C ILE A 1160 36.61 -11.30 -22.38
N PHE A 1161 35.81 -11.07 -23.41
CA PHE A 1161 34.68 -10.17 -23.28
C PHE A 1161 33.49 -10.94 -22.69
N TYR A 1162 32.64 -10.21 -21.98
CA TYR A 1162 31.43 -10.83 -21.48
C TYR A 1162 30.37 -10.70 -22.56
N ASP A 1163 29.88 -11.84 -23.02
CA ASP A 1163 28.72 -11.88 -23.91
C ASP A 1163 27.69 -12.80 -23.28
N SER A 1164 26.53 -12.23 -22.89
CA SER A 1164 25.51 -12.99 -22.18
C SER A 1164 25.16 -14.29 -22.91
N ARG A 1165 25.09 -14.23 -24.24
CA ARG A 1165 24.68 -15.37 -25.05
C ARG A 1165 25.62 -16.55 -24.89
N ASN A 1166 26.87 -16.32 -24.49
CA ASN A 1166 27.74 -17.44 -24.19
C ASN A 1166 27.21 -18.29 -23.03
N TYR A 1167 26.28 -17.76 -22.25
CA TYR A 1167 25.81 -18.46 -21.06
C TYR A 1167 24.35 -18.86 -21.11
N GLU A 1168 23.48 -18.04 -21.75
CA GLU A 1168 22.10 -18.48 -22.04
C GLU A 1168 22.09 -19.86 -22.67
N ALA A 1169 23.06 -20.13 -23.55
CA ALA A 1169 23.26 -21.46 -24.11
C ALA A 1169 23.32 -22.49 -23.00
N GLN A 1170 24.22 -22.28 -22.03
CA GLN A 1170 24.55 -23.28 -21.02
C GLN A 1170 23.36 -23.60 -20.13
N GLU A 1171 23.42 -24.78 -19.50
CA GLU A 1171 22.33 -25.18 -18.63
C GLU A 1171 22.56 -24.68 -17.21
N ASN A 1172 23.73 -24.93 -16.65
CA ASN A 1172 24.14 -24.28 -15.41
C ASN A 1172 25.25 -23.29 -15.73
N ALA A 1173 24.87 -22.02 -15.93
CA ALA A 1173 25.82 -20.96 -16.20
C ALA A 1173 26.43 -20.44 -14.91
N ILE A 1174 27.62 -19.81 -15.03
CA ILE A 1174 28.23 -19.20 -13.85
C ILE A 1174 28.08 -17.69 -13.85
N LEU A 1175 27.59 -17.09 -14.95
CA LEU A 1175 27.29 -15.68 -15.00
C LEU A 1175 25.89 -15.46 -15.59
N PRO A 1176 25.36 -14.22 -15.50
CA PRO A 1176 23.99 -13.99 -15.96
C PRO A 1176 23.76 -14.46 -17.39
N LYS A 1177 22.60 -15.09 -17.60
CA LYS A 1177 22.25 -15.62 -18.92
C LYS A 1177 21.59 -14.58 -19.81
N ASN A 1178 21.10 -13.47 -19.26
CA ASN A 1178 20.62 -12.38 -20.10
C ASN A 1178 20.52 -11.11 -19.27
N ALA A 1179 19.90 -10.09 -19.85
CA ALA A 1179 19.78 -8.82 -19.15
C ALA A 1179 19.01 -8.97 -17.84
N ASP A 1180 17.80 -9.54 -17.93
CA ASP A 1180 16.98 -9.73 -16.73
C ASP A 1180 17.72 -10.53 -15.69
N ALA A 1181 18.31 -11.66 -16.07
CA ALA A 1181 19.12 -12.43 -15.12
C ALA A 1181 20.15 -11.55 -14.45
N ASN A 1182 20.83 -10.71 -15.23
CA ASN A 1182 21.85 -9.83 -14.66
C ASN A 1182 21.24 -8.92 -13.59
N GLY A 1183 20.07 -8.35 -13.87
CA GLY A 1183 19.36 -7.58 -12.86
C GLY A 1183 19.25 -8.29 -11.53
N ALA A 1184 18.68 -9.49 -11.53
CA ALA A 1184 18.49 -10.20 -10.27
C ALA A 1184 19.82 -10.52 -9.61
N TYR A 1185 20.75 -11.11 -10.36
CA TYR A 1185 22.09 -11.38 -9.86
C TYR A 1185 22.65 -10.19 -9.09
N ASN A 1186 22.61 -9.01 -9.69
CA ASN A 1186 23.30 -7.90 -9.07
C ASN A 1186 22.52 -7.35 -7.89
N ILE A 1187 21.20 -7.51 -7.90
CA ILE A 1187 20.47 -7.14 -6.69
C ILE A 1187 20.88 -8.08 -5.56
N ALA A 1188 21.03 -9.37 -5.83
CA ALA A 1188 21.48 -10.25 -4.75
C ALA A 1188 22.90 -9.92 -4.33
N ARG A 1189 23.73 -9.39 -5.24
CA ARG A 1189 25.10 -9.10 -4.81
C ARG A 1189 25.16 -7.89 -3.88
N LYS A 1190 24.26 -6.92 -4.07
CA LYS A 1190 24.23 -5.81 -3.13
C LYS A 1190 24.00 -6.32 -1.69
N VAL A 1191 23.10 -7.28 -1.50
CA VAL A 1191 22.96 -7.90 -0.18
C VAL A 1191 24.27 -8.52 0.26
N LEU A 1192 24.95 -9.21 -0.67
CA LEU A 1192 26.27 -9.76 -0.34
C LEU A 1192 27.21 -8.68 0.17
N TRP A 1193 27.18 -7.50 -0.46
CA TRP A 1193 27.97 -6.38 0.04
C TRP A 1193 27.57 -6.05 1.48
N ALA A 1194 26.27 -5.97 1.75
CA ALA A 1194 25.81 -5.67 3.11
C ALA A 1194 26.15 -6.79 4.09
N ILE A 1195 26.15 -8.05 3.64
CA ILE A 1195 26.69 -9.07 4.53
C ILE A 1195 28.16 -8.81 4.75
N GLY A 1196 28.85 -8.26 3.75
CA GLY A 1196 30.24 -7.88 3.95
C GLY A 1196 30.37 -6.93 5.12
N GLN A 1197 29.45 -5.99 5.21
CA GLN A 1197 29.53 -5.00 6.27
C GLN A 1197 29.28 -5.65 7.61
N PHE A 1198 28.33 -6.58 7.67
CA PHE A 1198 28.07 -7.25 8.93
C PHE A 1198 29.29 -8.00 9.40
N LYS A 1199 30.08 -8.53 8.47
CA LYS A 1199 31.22 -9.33 8.89
C LYS A 1199 32.36 -8.45 9.40
N LYS A 1200 32.43 -7.21 8.92
CA LYS A 1200 33.34 -6.18 9.40
C LYS A 1200 32.98 -5.63 10.77
N ALA A 1201 31.73 -5.78 11.23
CA ALA A 1201 31.25 -5.12 12.43
C ALA A 1201 31.33 -6.03 13.65
N GLU A 1202 31.50 -5.42 14.83
CA GLU A 1202 31.40 -6.19 16.07
C GLU A 1202 29.99 -6.72 16.24
N ASP A 1203 29.85 -7.85 16.93
CA ASP A 1203 28.50 -8.33 17.20
C ASP A 1203 27.64 -7.24 17.83
N GLU A 1204 28.10 -6.65 18.94
CA GLU A 1204 27.31 -5.64 19.63
C GLU A 1204 26.93 -4.46 18.76
N LYS A 1205 27.65 -4.19 17.68
CA LYS A 1205 27.36 -2.99 16.90
C LYS A 1205 26.60 -3.31 15.63
N LEU A 1206 26.29 -4.59 15.40
CA LEU A 1206 25.58 -5.00 14.18
C LEU A 1206 24.28 -4.23 13.96
N ASP A 1207 23.59 -3.87 15.03
CA ASP A 1207 22.40 -3.02 14.93
C ASP A 1207 22.72 -1.74 14.19
N LYS A 1208 23.95 -1.22 14.37
CA LYS A 1208 24.36 0.10 13.93
C LYS A 1208 24.77 0.14 12.47
N VAL A 1209 25.03 -1.01 11.84
CA VAL A 1209 25.54 -1.05 10.47
C VAL A 1209 24.47 -0.57 9.51
N LYS A 1210 24.82 0.37 8.66
CA LYS A 1210 23.88 0.94 7.72
C LYS A 1210 24.00 0.18 6.39
N ILE A 1211 22.87 -0.32 5.89
CA ILE A 1211 22.81 -1.26 4.76
C ILE A 1211 22.78 -0.55 3.42
N ALA A 1212 22.21 0.65 3.36
CA ALA A 1212 21.97 1.35 2.10
C ALA A 1212 23.25 1.48 1.32
N ILE A 1213 23.39 0.73 0.27
CA ILE A 1213 24.62 0.81 -0.51
C ILE A 1213 24.51 1.95 -1.52
N SER A 1214 25.59 2.72 -1.62
CA SER A 1214 25.66 3.84 -2.54
C SER A 1214 26.19 3.38 -3.88
N ASN A 1215 25.99 4.23 -4.89
CA ASN A 1215 26.57 3.94 -6.18
C ASN A 1215 28.09 3.82 -6.07
N LYS A 1216 28.72 4.67 -5.27
CA LYS A 1216 30.17 4.62 -5.16
C LYS A 1216 30.61 3.32 -4.48
N GLU A 1217 30.00 2.98 -3.33
CA GLU A 1217 30.29 1.72 -2.69
C GLU A 1217 30.00 0.55 -3.63
N TRP A 1218 28.89 0.62 -4.38
CA TRP A 1218 28.48 -0.50 -5.23
C TRP A 1218 29.49 -0.79 -6.31
N LEU A 1219 29.87 0.24 -7.09
CA LEU A 1219 30.82 0.00 -8.17
C LEU A 1219 32.13 -0.54 -7.63
N GLU A 1220 32.58 -0.08 -6.46
CA GLU A 1220 33.77 -0.68 -5.86
C GLU A 1220 33.57 -2.17 -5.60
N TYR A 1221 32.40 -2.55 -5.08
CA TYR A 1221 32.21 -3.97 -4.77
C TYR A 1221 32.18 -4.79 -6.05
N ALA A 1222 31.51 -4.28 -7.08
CA ALA A 1222 31.34 -5.05 -8.31
C ALA A 1222 32.63 -5.13 -9.10
N GLN A 1223 33.47 -4.11 -9.02
CA GLN A 1223 34.71 -4.05 -9.77
C GLN A 1223 35.88 -4.73 -9.06
N THR A 1224 35.81 -4.95 -7.74
CA THR A 1224 36.88 -5.64 -7.04
C THR A 1224 36.57 -7.10 -6.74
N SER A 1225 35.29 -7.47 -6.57
CA SER A 1225 35.01 -8.82 -6.13
C SER A 1225 35.18 -9.84 -7.25
N VAL A 1226 35.21 -9.41 -8.51
CA VAL A 1226 35.30 -10.35 -9.62
C VAL A 1226 36.64 -11.07 -9.66
N LYS A 1227 37.72 -10.38 -9.29
CA LYS A 1227 39.09 -10.89 -9.53
C LYS A 1227 39.39 -11.09 -11.03
MG MG E . -6.92 -28.04 -2.66
#